data_3NUE
#
_entry.id   3NUE
#
_cell.length_a   204.712
_cell.length_b   204.712
_cell.length_c   66.264
_cell.angle_alpha   90.00
_cell.angle_beta   90.00
_cell.angle_gamma   120.00
#
_symmetry.space_group_name_H-M   'P 32 2 1'
#
loop_
_entity.id
_entity.type
_entity.pdbx_description
1 polymer 'Probable 3-deoxy-D-arabino-heptulosonate 7-phosphate synthase AroG'
2 non-polymer 'MANGANESE (II) ION'
3 non-polymer TRYPTOPHAN
4 non-polymer 'PHOSPHATE ION'
5 non-polymer 'SULFATE ION'
6 non-polymer GLYCEROL
7 non-polymer 'O-DODECANYL OCTAETHYLENE GLYCOL'
8 non-polymer 'CHLORIDE ION'
9 water water
#
_entity_poly.entity_id   1
_entity_poly.type   'polypeptide(L)'
_entity_poly.pdbx_seq_one_letter_code
;GAMNWTVDIPIDQLPSLPPLPTDLRTRLDAALAKPAAQQPTWPADQALAMRTVLESVPPVTVPSEIVRLQEQLAQVAKGE
AFLLQGGDCAETFMDNTEPHIRGNVRALLQMAVVLTYGASMPVVKVARIAGQYAKPRSADIDALGLRSYRGDMINGFAPD
AAAREHDPSRLVRAYANASAAMNLVRALTSSGLASLHLVHDWNREFVRTSPAGARYEALATEIDRGLRFMSACGVADRNL
QTAEIYASHEALVLDYERAMLRLSDGDDGEPQLFDLSAHTVWIGERTRQIDGAHIAFAQVIANPVGVKLGPNMTPELAVE
YVERLDPHNKPGRLTLVSRMGNHKVRDLLPPIVEKVQATGHQVIWQCDPMHGNTHESSTGFKTRHFDRIVDEVQGFFEVH
RALGTHPGGIHVEITGENVTECLGGAQDISETDLAGRYETACDPRLNTQQSLELAFLVAEMLRD
;
_entity_poly.pdbx_strand_id   A,B
#
loop_
_chem_comp.id
_chem_comp.type
_chem_comp.name
_chem_comp.formula
CE1 non-polymer 'O-DODECANYL OCTAETHYLENE GLYCOL' 'C28 H58 O9'
CL non-polymer 'CHLORIDE ION' 'Cl -1'
GOL non-polymer GLYCEROL 'C3 H8 O3'
MN non-polymer 'MANGANESE (II) ION' 'Mn 2'
PO4 non-polymer 'PHOSPHATE ION' 'O4 P -3'
SO4 non-polymer 'SULFATE ION' 'O4 S -2'
#
# COMPACT_ATOMS: atom_id res chain seq x y z
N GLY A 1 21.88 -20.87 1.55
CA GLY A 1 22.79 -22.09 1.44
C GLY A 1 22.16 -23.21 2.29
N ALA A 2 21.05 -23.79 1.78
CA ALA A 2 20.23 -24.74 2.56
C ALA A 2 19.90 -26.07 1.83
N MET A 3 20.01 -27.16 2.60
CA MET A 3 19.38 -28.44 2.31
C MET A 3 18.02 -28.43 3.00
N ASN A 4 17.75 -27.25 3.54
CA ASN A 4 16.67 -26.92 4.47
C ASN A 4 15.20 -26.74 3.99
N TRP A 5 14.98 -26.18 2.79
CA TRP A 5 13.64 -25.69 2.44
C TRP A 5 13.31 -24.32 3.08
N THR A 6 14.35 -23.57 3.39
CA THR A 6 14.22 -22.26 3.95
C THR A 6 15.15 -21.35 3.18
N VAL A 7 14.65 -20.20 2.76
CA VAL A 7 15.53 -19.17 2.25
C VAL A 7 15.83 -18.24 3.40
N ASP A 8 17.09 -17.84 3.50
CA ASP A 8 17.48 -16.86 4.48
C ASP A 8 17.66 -15.51 3.80
N ILE A 9 16.78 -14.56 4.09
CA ILE A 9 16.90 -13.23 3.51
C ILE A 9 17.66 -12.28 4.46
N PRO A 10 18.83 -11.79 4.01
CA PRO A 10 19.62 -10.88 4.81
C PRO A 10 18.87 -9.62 5.15
N ILE A 11 19.01 -9.17 6.40
CA ILE A 11 18.45 -7.90 6.83
C ILE A 11 19.48 -6.80 6.67
N ASP A 12 19.24 -5.95 5.68
CA ASP A 12 20.17 -4.87 5.34
C ASP A 12 20.33 -3.88 6.49
N GLN A 13 21.57 -3.53 6.75
CA GLN A 13 21.87 -2.65 7.87
C GLN A 13 22.00 -1.25 7.32
N LEU A 14 20.97 -0.46 7.55
CA LEU A 14 20.89 0.82 6.90
C LEU A 14 21.07 1.95 7.89
N PRO A 15 21.82 3.00 7.46
CA PRO A 15 22.04 4.17 8.26
C PRO A 15 20.74 4.67 8.78
N SER A 16 20.78 5.23 9.99
CA SER A 16 19.58 5.73 10.67
C SER A 16 19.22 7.22 10.40
N LEU A 17 17.94 7.49 10.55
CA LEU A 17 17.41 8.83 10.43
C LEU A 17 17.70 9.57 11.75
N PRO A 18 17.50 10.88 11.79
CA PRO A 18 17.70 11.45 13.13
C PRO A 18 16.74 10.85 14.19
N PRO A 19 17.13 10.88 15.48
CA PRO A 19 16.29 10.31 16.55
C PRO A 19 15.05 11.16 16.76
N LEU A 20 14.02 10.55 17.40
CA LEU A 20 12.90 11.32 17.97
C LEU A 20 13.45 12.39 18.91
N PRO A 21 12.70 13.47 19.13
CA PRO A 21 13.14 14.55 20.04
C PRO A 21 13.32 14.08 21.51
N THR A 22 13.82 14.93 22.41
CA THR A 22 14.19 14.50 23.75
C THR A 22 13.03 14.51 24.75
N ASP A 23 12.25 15.60 24.85
CA ASP A 23 11.14 15.62 25.78
C ASP A 23 10.43 14.29 25.58
N LEU A 24 10.14 13.99 24.31
CA LEU A 24 9.18 12.91 23.95
C LEU A 24 9.79 11.55 24.23
N ARG A 25 11.08 11.50 24.05
CA ARG A 25 11.82 10.37 24.50
C ARG A 25 11.91 10.11 25.98
N THR A 26 12.10 11.16 26.78
CA THR A 26 12.04 11.03 28.21
C THR A 26 10.65 10.53 28.58
N ARG A 27 9.58 11.13 28.04
CA ARG A 27 8.22 10.67 28.35
C ARG A 27 8.11 9.17 28.08
N LEU A 28 8.60 8.78 26.92
CA LEU A 28 8.50 7.44 26.40
C LEU A 28 9.29 6.46 27.25
N ASP A 29 10.53 6.80 27.55
CA ASP A 29 11.33 5.97 28.41
C ASP A 29 10.66 5.74 29.76
N ALA A 30 10.05 6.77 30.33
CA ALA A 30 9.41 6.62 31.62
C ALA A 30 8.18 5.72 31.55
N ALA A 31 7.48 5.76 30.43
CA ALA A 31 6.37 4.88 30.18
C ALA A 31 6.85 3.43 30.06
N LEU A 32 7.94 3.21 29.33
CA LEU A 32 8.36 1.86 29.00
C LEU A 32 9.15 1.21 30.09
N ALA A 33 9.48 1.96 31.12
CA ALA A 33 10.11 1.44 32.34
C ALA A 33 9.14 0.65 33.24
N LYS A 34 7.85 0.82 32.95
CA LYS A 34 6.82 0.10 33.64
C LYS A 34 6.79 -1.36 33.24
N PRO A 35 6.31 -2.23 34.12
CA PRO A 35 6.33 -3.58 33.71
C PRO A 35 5.32 -3.86 32.57
N ALA A 36 5.68 -4.77 31.68
CA ALA A 36 4.79 -5.12 30.57
C ALA A 36 4.49 -6.60 30.64
N ALA A 37 3.21 -6.97 30.65
CA ALA A 37 2.82 -8.38 30.50
C ALA A 37 3.00 -8.97 29.08
N GLN A 38 3.19 -10.29 29.04
CA GLN A 38 3.06 -11.07 27.83
C GLN A 38 4.06 -10.68 26.76
N GLN A 39 5.21 -10.20 27.17
CA GLN A 39 6.24 -9.86 26.19
C GLN A 39 7.06 -11.08 25.73
N PRO A 40 7.49 -11.05 24.47
CA PRO A 40 8.42 -12.02 23.96
C PRO A 40 9.68 -12.04 24.82
N THR A 41 10.32 -13.19 24.89
CA THR A 41 11.48 -13.38 25.76
C THR A 41 12.80 -13.45 24.98
N TRP A 42 12.94 -12.73 23.87
CA TRP A 42 14.21 -12.70 23.15
C TRP A 42 15.25 -11.76 23.83
N PRO A 43 16.53 -11.95 23.56
CA PRO A 43 17.55 -11.05 24.16
C PRO A 43 17.41 -9.54 23.82
N ALA A 44 17.82 -8.69 24.74
CA ALA A 44 17.73 -7.22 24.55
C ALA A 44 18.54 -6.69 23.36
N ASP A 45 19.68 -7.32 23.11
CA ASP A 45 20.61 -6.83 22.12
C ASP A 45 20.02 -7.13 20.75
N GLN A 46 19.44 -8.32 20.59
CA GLN A 46 18.78 -8.70 19.34
C GLN A 46 17.56 -7.81 19.05
N ALA A 47 16.80 -7.58 20.09
CA ALA A 47 15.65 -6.69 20.06
C ALA A 47 16.00 -5.29 19.61
N LEU A 48 17.08 -4.73 20.15
CA LEU A 48 17.50 -3.38 19.79
C LEU A 48 17.93 -3.37 18.36
N ALA A 49 18.66 -4.39 17.96
CA ALA A 49 19.12 -4.48 16.58
C ALA A 49 17.92 -4.44 15.63
N MET A 50 16.88 -5.21 15.93
CA MET A 50 15.73 -5.29 15.03
C MET A 50 14.87 -4.02 15.06
N ARG A 51 14.72 -3.44 16.24
CA ARG A 51 14.11 -2.13 16.37
C ARG A 51 14.77 -1.04 15.54
N THR A 52 16.09 -1.07 15.48
CA THR A 52 16.87 -0.05 14.77
C THR A 52 16.57 -0.08 13.28
N VAL A 53 16.48 -1.28 12.73
CA VAL A 53 16.05 -1.51 11.36
C VAL A 53 14.69 -0.81 11.14
N LEU A 54 13.73 -1.15 11.99
CA LEU A 54 12.32 -0.69 11.82
C LEU A 54 12.17 0.82 12.01
N GLU A 55 13.10 1.41 12.74
CA GLU A 55 13.06 2.83 12.98
C GLU A 55 13.22 3.60 11.71
N SER A 56 13.86 3.06 10.69
CA SER A 56 13.96 3.90 9.50
C SER A 56 13.13 3.45 8.34
N VAL A 57 12.31 2.42 8.50
CA VAL A 57 11.52 1.98 7.35
C VAL A 57 10.35 2.92 7.07
N PRO A 58 9.84 2.93 5.81
CA PRO A 58 8.62 3.71 5.57
C PRO A 58 7.46 3.24 6.45
N PRO A 59 6.69 4.17 6.98
CA PRO A 59 5.65 3.84 7.92
C PRO A 59 4.50 3.10 7.26
N VAL A 60 3.72 2.39 8.05
CA VAL A 60 2.59 1.67 7.48
C VAL A 60 1.42 2.61 7.19
N THR A 61 1.18 3.58 8.09
CA THR A 61 0.20 4.65 7.92
C THR A 61 0.88 6.01 8.12
N VAL A 62 0.21 7.12 7.80
CA VAL A 62 0.79 8.45 8.00
C VAL A 62 -0.07 9.27 8.94
N PRO A 63 0.51 10.25 9.64
CA PRO A 63 -0.27 10.97 10.66
C PRO A 63 -1.59 11.56 10.17
N SER A 64 -1.57 12.13 8.98
CA SER A 64 -2.75 12.82 8.56
C SER A 64 -3.93 11.89 8.31
N GLU A 65 -3.69 10.61 8.01
CA GLU A 65 -4.76 9.60 8.01
C GLU A 65 -5.31 9.41 9.42
N ILE A 66 -4.44 9.42 10.40
CA ILE A 66 -4.85 9.13 11.75
C ILE A 66 -5.69 10.31 12.28
N VAL A 67 -5.27 11.52 11.97
CA VAL A 67 -6.08 12.65 12.33
C VAL A 67 -7.46 12.54 11.72
N ARG A 68 -7.51 12.19 10.45
CA ARG A 68 -8.78 11.95 9.81
C ARG A 68 -9.66 10.92 10.53
N LEU A 69 -9.11 9.76 10.83
CA LEU A 69 -9.85 8.74 11.59
C LEU A 69 -10.37 9.29 12.90
N GLN A 70 -9.53 10.06 13.60
CA GLN A 70 -9.94 10.68 14.88
C GLN A 70 -11.22 11.51 14.73
N GLU A 71 -11.28 12.31 13.67
CA GLU A 71 -12.48 13.09 13.40
C GLU A 71 -13.70 12.21 13.10
N GLN A 72 -13.51 11.12 12.37
CA GLN A 72 -14.59 10.24 12.02
C GLN A 72 -15.06 9.53 13.27
N LEU A 73 -14.12 9.13 14.12
CA LEU A 73 -14.49 8.51 15.39
C LEU A 73 -15.17 9.48 16.33
N ALA A 74 -14.85 10.76 16.25
CA ALA A 74 -15.57 11.74 17.06
C ALA A 74 -17.09 11.66 16.76
N GLN A 75 -17.45 11.55 15.48
CA GLN A 75 -18.85 11.44 15.10
C GLN A 75 -19.45 10.12 15.62
N VAL A 76 -18.70 9.03 15.59
CA VAL A 76 -19.22 7.82 16.24
C VAL A 76 -19.52 8.13 17.72
N ALA A 77 -18.58 8.75 18.42
CA ALA A 77 -18.73 8.97 19.87
C ALA A 77 -19.98 9.80 20.15
N LYS A 78 -20.28 10.72 19.26
CA LYS A 78 -21.39 11.63 19.48
C LYS A 78 -22.72 11.06 18.99
N GLY A 79 -22.74 9.79 18.60
CA GLY A 79 -23.98 9.13 18.18
C GLY A 79 -24.35 9.38 16.75
N GLU A 80 -23.39 9.74 15.90
CA GLU A 80 -23.74 10.05 14.51
C GLU A 80 -23.05 9.24 13.44
N ALA A 81 -22.33 8.21 13.83
CA ALA A 81 -21.69 7.30 12.92
C ALA A 81 -21.59 6.04 13.75
N PHE A 82 -21.20 4.94 13.12
CA PHE A 82 -21.18 3.62 13.74
C PHE A 82 -19.85 2.96 13.39
N LEU A 83 -19.22 2.31 14.37
CA LEU A 83 -17.89 1.71 14.19
C LEU A 83 -17.98 0.24 13.85
N LEU A 84 -17.49 -0.17 12.68
CA LEU A 84 -17.37 -1.60 12.34
C LEU A 84 -15.89 -2.00 12.26
N GLN A 85 -15.52 -2.95 13.08
CA GLN A 85 -14.14 -3.45 13.17
C GLN A 85 -14.18 -4.97 13.11
N GLY A 86 -13.39 -5.52 12.20
CA GLY A 86 -13.44 -6.94 11.86
C GLY A 86 -12.27 -7.40 11.04
N GLY A 87 -11.93 -8.66 11.15
CA GLY A 87 -10.87 -9.26 10.35
C GLY A 87 -10.44 -10.53 10.99
N ASP A 88 -9.32 -11.07 10.54
CA ASP A 88 -8.73 -12.26 11.16
C ASP A 88 -8.53 -12.07 12.65
N CYS A 89 -8.71 -13.15 13.37
CA CYS A 89 -8.33 -13.19 14.75
C CYS A 89 -6.84 -13.11 14.88
N ALA A 90 -6.14 -13.86 14.04
CA ALA A 90 -4.66 -13.73 13.90
C ALA A 90 -4.25 -13.80 12.43
N GLU A 91 -3.54 -12.82 11.92
CA GLU A 91 -3.04 -12.96 10.56
C GLU A 91 -1.86 -13.91 10.65
N THR A 92 -1.59 -14.66 9.59
CA THR A 92 -0.32 -15.37 9.48
C THR A 92 0.42 -14.84 8.27
N PHE A 93 1.73 -14.99 8.30
CA PHE A 93 2.55 -14.66 7.16
C PHE A 93 2.20 -15.59 5.98
N MET A 94 1.93 -16.87 6.29
N MET A 94 1.93 -16.87 6.25
CA MET A 94 1.58 -17.89 5.27
CA MET A 94 1.67 -17.81 5.16
C MET A 94 0.40 -17.44 4.42
C MET A 94 0.39 -17.44 4.38
N ASP A 95 -0.66 -16.99 5.06
CA ASP A 95 -1.89 -16.60 4.39
C ASP A 95 -1.98 -15.11 4.05
N ASN A 96 -0.89 -14.38 4.19
CA ASN A 96 -0.89 -12.96 3.91
C ASN A 96 -0.77 -12.85 2.41
N THR A 97 -1.81 -13.30 1.72
CA THR A 97 -1.86 -13.36 0.28
C THR A 97 -2.95 -12.46 -0.32
N GLU A 98 -2.82 -12.10 -1.60
N GLU A 98 -2.80 -12.12 -1.61
CA GLU A 98 -3.87 -11.35 -2.23
CA GLU A 98 -3.83 -11.35 -2.30
C GLU A 98 -5.21 -12.06 -1.97
C GLU A 98 -5.22 -12.00 -2.17
N PRO A 99 -5.37 -13.32 -2.39
CA PRO A 99 -6.77 -13.84 -2.25
C PRO A 99 -7.32 -13.69 -0.84
N HIS A 100 -6.49 -13.86 0.16
CA HIS A 100 -7.01 -13.89 1.48
C HIS A 100 -7.33 -12.48 1.91
N ILE A 101 -6.41 -11.57 1.64
CA ILE A 101 -6.64 -10.15 1.91
C ILE A 101 -7.89 -9.58 1.16
N ARG A 102 -8.03 -9.90 -0.12
N ARG A 102 -8.04 -9.98 -0.10
CA ARG A 102 -9.23 -9.52 -0.89
CA ARG A 102 -9.16 -9.56 -0.95
C ARG A 102 -10.44 -10.08 -0.18
C ARG A 102 -10.47 -10.20 -0.46
N GLY A 103 -10.35 -11.32 0.24
CA GLY A 103 -11.48 -11.97 0.89
C GLY A 103 -11.94 -11.23 2.14
N ASN A 104 -10.99 -10.84 2.98
CA ASN A 104 -11.36 -10.16 4.21
C ASN A 104 -11.86 -8.73 4.00
N VAL A 105 -11.25 -8.04 3.03
CA VAL A 105 -11.67 -6.70 2.75
C VAL A 105 -13.10 -6.77 2.20
N ARG A 106 -13.38 -7.71 1.33
N ARG A 106 -13.33 -7.69 1.28
CA ARG A 106 -14.70 -7.79 0.80
CA ARG A 106 -14.66 -7.96 0.78
C ARG A 106 -15.75 -8.22 1.85
C ARG A 106 -15.70 -8.18 1.88
N ALA A 107 -15.38 -9.09 2.80
CA ALA A 107 -16.34 -9.46 3.84
C ALA A 107 -16.65 -8.26 4.70
N LEU A 108 -15.63 -7.47 4.99
CA LEU A 108 -15.82 -6.31 5.84
C LEU A 108 -16.69 -5.31 5.10
N LEU A 109 -16.48 -5.16 3.80
CA LEU A 109 -17.24 -4.17 3.06
C LEU A 109 -18.72 -4.60 2.99
N GLN A 110 -18.93 -5.87 2.69
CA GLN A 110 -20.25 -6.42 2.62
C GLN A 110 -21.02 -6.11 3.91
N MET A 111 -20.38 -6.36 5.06
CA MET A 111 -20.97 -5.96 6.30
C MET A 111 -21.27 -4.49 6.32
N ALA A 112 -20.32 -3.67 5.87
CA ALA A 112 -20.49 -2.23 6.01
C ALA A 112 -21.72 -1.73 5.27
N VAL A 113 -21.98 -2.30 4.09
CA VAL A 113 -23.12 -1.81 3.30
C VAL A 113 -24.39 -2.00 4.11
N VAL A 114 -24.58 -3.22 4.62
CA VAL A 114 -25.79 -3.56 5.39
C VAL A 114 -25.86 -2.71 6.65
N LEU A 115 -24.78 -2.60 7.38
CA LEU A 115 -24.79 -1.75 8.58
C LEU A 115 -25.05 -0.26 8.24
N THR A 116 -24.55 0.22 7.11
CA THR A 116 -24.65 1.64 6.81
C THR A 116 -26.10 1.94 6.56
N TYR A 117 -26.73 1.07 5.78
CA TYR A 117 -28.15 1.17 5.55
C TYR A 117 -29.00 1.01 6.81
N GLY A 118 -28.69 0.03 7.63
CA GLY A 118 -29.47 -0.21 8.81
C GLY A 118 -29.33 0.86 9.84
N ALA A 119 -28.11 1.36 10.03
CA ALA A 119 -27.82 2.43 10.99
C ALA A 119 -28.35 3.76 10.49
N SER A 120 -28.45 3.90 9.17
CA SER A 120 -28.80 5.19 8.58
C SER A 120 -27.78 6.28 8.90
N MET A 121 -26.50 5.94 9.00
CA MET A 121 -25.45 6.92 9.20
C MET A 121 -24.13 6.27 8.80
N PRO A 122 -23.08 7.10 8.59
CA PRO A 122 -21.81 6.58 8.14
C PRO A 122 -21.24 5.47 9.04
N VAL A 123 -20.49 4.54 8.43
CA VAL A 123 -19.80 3.51 9.17
C VAL A 123 -18.30 3.69 9.00
N VAL A 124 -17.61 3.83 10.12
CA VAL A 124 -16.16 3.84 10.09
C VAL A 124 -15.68 2.38 9.98
N LYS A 125 -14.90 2.07 8.94
CA LYS A 125 -14.51 0.70 8.57
C LYS A 125 -13.10 0.41 8.97
N VAL A 126 -12.93 -0.40 10.03
CA VAL A 126 -11.60 -0.67 10.59
C VAL A 126 -11.28 -2.18 10.54
N ALA A 127 -10.26 -2.57 9.77
CA ALA A 127 -9.90 -3.99 9.66
C ALA A 127 -8.88 -4.38 10.73
N ARG A 128 -9.02 -5.61 11.19
CA ARG A 128 -7.97 -6.25 11.90
C ARG A 128 -7.08 -6.78 10.81
N ILE A 129 -6.10 -6.00 10.39
CA ILE A 129 -5.28 -6.40 9.26
C ILE A 129 -3.95 -5.65 9.32
N ALA A 130 -2.95 -6.16 8.62
CA ALA A 130 -1.67 -5.46 8.49
C ALA A 130 -0.96 -5.25 9.82
N GLY A 131 -0.93 -6.28 10.63
CA GLY A 131 -0.16 -6.25 11.89
C GLY A 131 -0.71 -7.07 13.04
N GLN A 132 -1.88 -7.70 12.86
CA GLN A 132 -2.48 -8.51 13.92
C GLN A 132 -1.74 -9.85 14.02
N TYR A 133 -0.46 -9.78 14.39
CA TYR A 133 0.51 -10.90 14.26
C TYR A 133 1.07 -11.42 15.60
N ALA A 134 0.43 -10.99 16.68
CA ALA A 134 0.90 -11.27 18.02
C ALA A 134 -0.29 -11.46 18.93
N LYS A 135 -0.21 -12.48 19.77
CA LYS A 135 -1.32 -12.77 20.72
C LYS A 135 -0.82 -13.10 22.10
N PRO A 136 -1.62 -12.77 23.12
CA PRO A 136 -1.26 -13.23 24.47
C PRO A 136 -1.47 -14.70 24.59
N ARG A 137 -0.86 -15.33 25.58
CA ARG A 137 -1.31 -16.66 26.01
C ARG A 137 -1.36 -16.69 27.51
N SER A 138 -2.30 -17.45 28.05
CA SER A 138 -2.41 -17.62 29.52
C SER A 138 -1.46 -18.72 29.99
N ALA A 139 -1.21 -19.67 29.10
CA ALA A 139 -0.39 -20.86 29.39
C ALA A 139 1.00 -20.85 28.73
N ASP A 140 1.95 -21.27 29.52
CA ASP A 140 3.34 -21.27 29.12
C ASP A 140 3.62 -22.49 28.26
N ILE A 141 2.92 -23.60 28.55
CA ILE A 141 3.14 -24.85 27.86
C ILE A 141 1.83 -25.37 27.33
N ASP A 142 1.80 -25.60 26.02
CA ASP A 142 0.60 -26.08 25.36
C ASP A 142 0.37 -27.57 25.47
N ALA A 143 -0.76 -27.99 24.92
CA ALA A 143 -1.24 -29.34 25.04
C ALA A 143 -0.25 -30.32 24.47
N LEU A 144 0.65 -29.85 23.62
CA LEU A 144 1.66 -30.73 23.06
C LEU A 144 3.00 -30.73 23.83
N GLY A 145 3.11 -29.95 24.89
CA GLY A 145 4.34 -29.87 25.66
C GLY A 145 5.33 -28.88 25.09
N LEU A 146 4.83 -27.98 24.24
CA LEU A 146 5.68 -26.97 23.65
C LEU A 146 5.43 -25.59 24.26
N ARG A 147 6.43 -24.70 24.14
CA ARG A 147 6.21 -23.27 24.34
C ARG A 147 5.08 -22.87 23.46
N SER A 148 4.11 -22.15 24.03
CA SER A 148 2.98 -21.66 23.26
C SER A 148 3.40 -20.85 22.07
N TYR A 149 2.60 -21.00 21.02
CA TYR A 149 2.58 -20.11 19.85
C TYR A 149 2.05 -18.75 20.27
N ARG A 150 2.76 -17.67 19.95
CA ARG A 150 2.33 -16.33 20.35
C ARG A 150 2.06 -15.40 19.16
N GLY A 151 1.90 -16.01 17.99
CA GLY A 151 1.67 -15.28 16.77
C GLY A 151 2.92 -15.09 15.97
N ASP A 152 2.76 -14.94 14.67
CA ASP A 152 3.90 -14.91 13.76
C ASP A 152 4.93 -13.81 14.01
N MET A 153 4.55 -12.75 14.70
CA MET A 153 5.51 -11.75 15.07
C MET A 153 6.48 -12.27 16.11
N ILE A 154 6.15 -13.34 16.83
CA ILE A 154 6.96 -13.79 17.94
C ILE A 154 7.60 -15.16 17.72
N ASN A 155 6.81 -16.13 17.27
CA ASN A 155 7.36 -17.44 16.94
C ASN A 155 6.46 -18.12 15.89
N GLY A 156 6.77 -19.36 15.51
CA GLY A 156 6.00 -20.05 14.45
C GLY A 156 4.99 -21.06 14.96
N PHE A 157 3.93 -21.23 14.18
CA PHE A 157 2.82 -22.11 14.48
C PHE A 157 3.20 -23.61 14.52
N ALA A 158 4.23 -24.00 13.77
CA ALA A 158 4.59 -25.42 13.62
C ALA A 158 4.84 -26.08 14.97
N PRO A 159 4.27 -27.28 15.16
CA PRO A 159 4.45 -27.95 16.41
C PRO A 159 5.85 -28.49 16.53
N ASP A 160 6.86 -27.63 16.56
CA ASP A 160 8.22 -28.07 16.96
C ASP A 160 9.07 -27.01 17.64
N ALA A 161 9.99 -27.47 18.50
CA ALA A 161 10.72 -26.64 19.44
C ALA A 161 11.32 -25.43 18.75
N ALA A 162 12.04 -25.74 17.68
CA ALA A 162 12.82 -24.73 16.96
C ALA A 162 11.87 -23.61 16.47
N ALA A 163 10.75 -23.99 15.88
CA ALA A 163 9.80 -22.99 15.44
C ALA A 163 9.31 -22.11 16.61
N ARG A 164 9.30 -22.66 17.82
CA ARG A 164 8.68 -21.96 18.95
C ARG A 164 9.62 -21.05 19.72
N GLU A 165 10.87 -21.03 19.32
CA GLU A 165 11.76 -20.06 19.93
C GLU A 165 11.35 -18.65 19.51
N HIS A 166 11.41 -17.71 20.44
CA HIS A 166 11.01 -16.37 20.16
C HIS A 166 12.09 -15.69 19.36
N ASP A 167 11.88 -15.39 18.08
CA ASP A 167 12.92 -14.76 17.23
C ASP A 167 12.59 -13.37 16.73
N PRO A 168 13.39 -12.41 17.14
CA PRO A 168 13.14 -10.99 16.86
C PRO A 168 13.30 -10.61 15.38
N SER A 169 13.82 -11.52 14.57
CA SER A 169 13.81 -11.24 13.14
C SER A 169 12.38 -11.26 12.66
N ARG A 170 11.48 -11.86 13.44
CA ARG A 170 10.10 -11.81 13.09
C ARG A 170 9.52 -10.40 13.25
N LEU A 171 10.23 -9.47 13.88
CA LEU A 171 9.69 -8.11 13.92
C LEU A 171 9.77 -7.55 12.49
N VAL A 172 10.84 -7.86 11.79
CA VAL A 172 11.08 -7.27 10.49
C VAL A 172 10.18 -7.98 9.49
N ARG A 173 10.11 -9.29 9.60
CA ARG A 173 9.22 -10.06 8.73
C ARG A 173 7.80 -9.57 8.92
N ALA A 174 7.45 -9.27 10.18
CA ALA A 174 6.13 -8.70 10.48
C ALA A 174 5.90 -7.38 9.76
N TYR A 175 6.90 -6.49 9.84
CA TYR A 175 6.77 -5.21 9.17
C TYR A 175 6.61 -5.39 7.65
N ALA A 176 7.44 -6.21 7.04
CA ALA A 176 7.31 -6.38 5.61
C ALA A 176 5.89 -6.88 5.24
N ASN A 177 5.37 -7.84 5.98
CA ASN A 177 4.05 -8.36 5.65
C ASN A 177 2.95 -7.36 5.87
N ALA A 178 3.10 -6.52 6.88
CA ALA A 178 2.05 -5.52 7.20
C ALA A 178 2.06 -4.43 6.15
N SER A 179 3.24 -4.03 5.79
CA SER A 179 3.42 -3.03 4.75
C SER A 179 2.84 -3.49 3.42
N ALA A 180 3.15 -4.73 3.04
CA ALA A 180 2.65 -5.29 1.80
C ALA A 180 1.12 -5.38 1.82
N ALA A 181 0.58 -5.83 2.95
CA ALA A 181 -0.89 -6.00 3.01
C ALA A 181 -1.53 -4.65 2.89
N MET A 182 -0.98 -3.66 3.61
CA MET A 182 -1.58 -2.36 3.60
C MET A 182 -1.54 -1.75 2.20
N ASN A 183 -0.43 -1.91 1.50
CA ASN A 183 -0.33 -1.49 0.10
C ASN A 183 -1.50 -2.09 -0.71
N LEU A 184 -1.73 -3.39 -0.56
CA LEU A 184 -2.86 -4.05 -1.25
C LEU A 184 -4.20 -3.45 -0.88
N VAL A 185 -4.40 -3.28 0.36
CA VAL A 185 -5.60 -2.67 0.89
C VAL A 185 -5.87 -1.28 0.33
N ARG A 186 -4.90 -0.45 0.22
CA ARG A 186 -5.11 0.88 -0.37
C ARG A 186 -5.44 0.75 -1.85
N ALA A 187 -4.70 -0.11 -2.55
CA ALA A 187 -4.92 -0.36 -3.96
C ALA A 187 -6.37 -0.80 -4.23
N LEU A 188 -6.81 -1.80 -3.47
CA LEU A 188 -8.12 -2.40 -3.71
C LEU A 188 -9.21 -1.42 -3.41
N THR A 189 -9.09 -0.67 -2.32
CA THR A 189 -10.16 0.22 -1.90
C THR A 189 -10.27 1.44 -2.78
N SER A 190 -9.17 1.82 -3.44
CA SER A 190 -9.17 2.96 -4.31
C SER A 190 -9.40 2.63 -5.79
N SER A 191 -9.41 1.36 -6.15
CA SER A 191 -9.51 1.07 -7.56
C SER A 191 -10.62 0.13 -7.99
N GLY A 192 -11.59 -0.14 -7.12
CA GLY A 192 -12.83 -0.74 -7.56
C GLY A 192 -13.43 -1.78 -6.66
N LEU A 193 -12.66 -2.38 -5.78
CA LEU A 193 -13.17 -3.45 -4.99
C LEU A 193 -14.16 -2.88 -3.99
N ALA A 194 -13.98 -1.60 -3.65
CA ALA A 194 -14.84 -0.98 -2.65
C ALA A 194 -15.98 -0.19 -3.31
N SER A 195 -16.24 -0.45 -4.58
CA SER A 195 -17.41 0.15 -5.24
C SER A 195 -18.71 -0.38 -4.66
N LEU A 196 -19.55 0.55 -4.21
CA LEU A 196 -20.79 0.21 -3.51
C LEU A 196 -21.68 -0.74 -4.28
N HIS A 197 -21.81 -0.50 -5.56
CA HIS A 197 -22.75 -1.28 -6.35
C HIS A 197 -22.21 -2.70 -6.45
N LEU A 198 -20.93 -2.81 -6.70
CA LEU A 198 -20.28 -4.09 -6.78
C LEU A 198 -20.41 -4.88 -5.46
N VAL A 199 -20.14 -4.22 -4.34
CA VAL A 199 -20.22 -4.90 -3.06
C VAL A 199 -21.63 -5.43 -2.79
N HIS A 200 -22.64 -4.62 -3.07
CA HIS A 200 -24.00 -5.06 -2.78
C HIS A 200 -24.42 -6.19 -3.68
N ASP A 201 -23.88 -6.24 -4.89
CA ASP A 201 -24.11 -7.42 -5.75
C ASP A 201 -23.70 -8.68 -5.04
N TRP A 202 -22.57 -8.68 -4.34
CA TRP A 202 -22.15 -9.86 -3.60
C TRP A 202 -23.19 -10.17 -2.53
N ASN A 203 -23.76 -9.12 -1.93
CA ASN A 203 -24.79 -9.32 -0.94
C ASN A 203 -26.03 -9.95 -1.53
N ARG A 204 -26.36 -9.59 -2.76
CA ARG A 204 -27.52 -10.18 -3.41
C ARG A 204 -27.27 -11.64 -3.79
N GLU A 205 -26.06 -11.92 -4.24
CA GLU A 205 -25.65 -13.26 -4.56
C GLU A 205 -25.69 -14.11 -3.29
N PHE A 206 -25.41 -13.51 -2.14
CA PHE A 206 -25.49 -14.23 -0.87
C PHE A 206 -26.93 -14.56 -0.51
N VAL A 207 -27.78 -13.57 -0.58
CA VAL A 207 -29.19 -13.74 -0.30
C VAL A 207 -29.88 -14.78 -1.22
N ARG A 208 -29.34 -14.93 -2.41
CA ARG A 208 -29.97 -15.75 -3.42
C ARG A 208 -29.58 -17.21 -3.27
N THR A 209 -28.42 -17.49 -2.67
CA THR A 209 -27.88 -18.85 -2.63
C THR A 209 -27.62 -19.38 -1.22
N SER A 210 -27.62 -18.53 -0.21
CA SER A 210 -27.49 -19.02 1.13
C SER A 210 -28.78 -19.74 1.50
N PRO A 211 -28.67 -20.78 2.32
CA PRO A 211 -29.87 -21.46 2.81
C PRO A 211 -30.64 -20.56 3.77
N ALA A 212 -29.95 -19.67 4.46
CA ALA A 212 -30.65 -18.67 5.29
C ALA A 212 -31.20 -17.52 4.42
N GLY A 213 -30.69 -17.41 3.20
CA GLY A 213 -30.97 -16.28 2.32
C GLY A 213 -32.36 -15.72 2.49
N ALA A 214 -33.35 -16.59 2.41
CA ALA A 214 -34.75 -16.18 2.44
C ALA A 214 -35.02 -15.20 3.58
N ARG A 215 -34.36 -15.42 4.71
CA ARG A 215 -34.56 -14.60 5.89
C ARG A 215 -34.24 -13.12 5.61
N TYR A 216 -33.25 -12.90 4.74
CA TYR A 216 -32.70 -11.57 4.56
C TYR A 216 -33.07 -10.88 3.24
N GLU A 217 -34.01 -11.46 2.50
CA GLU A 217 -34.36 -10.98 1.16
C GLU A 217 -35.00 -9.64 1.23
N ALA A 218 -35.89 -9.45 2.18
CA ALA A 218 -36.58 -8.18 2.26
C ALA A 218 -35.57 -7.02 2.51
N LEU A 219 -34.68 -7.15 3.47
CA LEU A 219 -33.74 -6.10 3.74
C LEU A 219 -32.80 -5.91 2.58
N ALA A 220 -32.37 -7.02 1.98
CA ALA A 220 -31.43 -6.95 0.84
C ALA A 220 -32.04 -6.16 -0.33
N THR A 221 -33.32 -6.39 -0.56
CA THR A 221 -34.07 -5.76 -1.62
C THR A 221 -34.29 -4.30 -1.33
N GLU A 222 -34.51 -4.02 -0.07
CA GLU A 222 -34.70 -2.67 0.36
C GLU A 222 -33.41 -1.87 0.19
N ILE A 223 -32.26 -2.48 0.49
CA ILE A 223 -30.96 -1.83 0.23
C ILE A 223 -30.81 -1.56 -1.27
N ASP A 224 -31.00 -2.60 -2.06
CA ASP A 224 -30.91 -2.50 -3.51
C ASP A 224 -31.71 -1.29 -4.02
N ARG A 225 -32.98 -1.22 -3.62
CA ARG A 225 -33.83 -0.11 -3.95
C ARG A 225 -33.33 1.23 -3.41
N GLY A 226 -32.66 1.22 -2.26
CA GLY A 226 -32.00 2.40 -1.76
C GLY A 226 -30.96 2.85 -2.77
N LEU A 227 -30.13 1.91 -3.21
CA LEU A 227 -29.06 2.20 -4.19
C LEU A 227 -29.59 2.72 -5.50
N ARG A 228 -30.61 2.08 -6.02
CA ARG A 228 -31.11 2.53 -7.29
C ARG A 228 -31.71 3.92 -7.14
N PHE A 229 -32.40 4.16 -6.04
CA PHE A 229 -32.85 5.51 -5.70
C PHE A 229 -31.73 6.55 -5.90
N MET A 230 -30.51 6.21 -5.49
CA MET A 230 -29.39 7.14 -5.63
C MET A 230 -29.06 7.45 -7.10
N SER A 231 -28.98 6.44 -7.95
CA SER A 231 -28.82 6.73 -9.37
C SER A 231 -29.99 7.53 -9.87
N ALA A 232 -31.20 7.12 -9.50
CA ALA A 232 -32.38 7.72 -10.04
C ALA A 232 -32.38 9.23 -9.79
N CYS A 233 -31.81 9.65 -8.67
CA CYS A 233 -31.75 11.06 -8.30
C CYS A 233 -30.55 11.78 -8.93
N GLY A 234 -29.72 11.05 -9.68
CA GLY A 234 -28.58 11.61 -10.37
C GLY A 234 -27.50 12.16 -9.47
N VAL A 235 -27.23 11.49 -8.34
CA VAL A 235 -26.19 11.98 -7.42
C VAL A 235 -24.75 11.85 -8.03
N ALA A 236 -23.84 12.76 -7.64
CA ALA A 236 -22.40 12.63 -7.98
C ALA A 236 -21.84 11.35 -7.33
N ASP A 237 -21.76 10.34 -8.16
CA ASP A 237 -21.61 9.01 -7.67
C ASP A 237 -20.11 8.70 -7.41
N ARG A 238 -19.32 9.74 -7.29
CA ARG A 238 -17.93 9.53 -7.00
C ARG A 238 -17.61 8.85 -5.64
N ASN A 239 -18.33 9.25 -4.58
N ASN A 239 -18.34 9.23 -4.59
CA ASN A 239 -18.07 8.72 -3.24
CA ASN A 239 -18.06 8.69 -3.24
C ASN A 239 -18.68 7.34 -3.07
C ASN A 239 -18.62 7.30 -3.09
N LEU A 240 -19.27 6.83 -4.14
CA LEU A 240 -19.79 5.50 -4.13
C LEU A 240 -18.80 4.53 -4.73
N GLN A 241 -17.70 5.02 -5.29
CA GLN A 241 -16.73 4.18 -5.98
C GLN A 241 -15.58 3.62 -5.08
N THR A 242 -15.31 4.32 -3.98
CA THR A 242 -14.23 3.96 -3.09
C THR A 242 -14.70 4.08 -1.63
N ALA A 243 -13.94 3.51 -0.70
CA ALA A 243 -14.27 3.51 0.72
C ALA A 243 -12.95 3.56 1.44
N GLU A 244 -12.97 4.01 2.69
CA GLU A 244 -11.76 4.01 3.50
C GLU A 244 -11.80 2.81 4.44
N ILE A 245 -10.74 2.01 4.42
CA ILE A 245 -10.53 0.89 5.35
C ILE A 245 -9.24 1.13 6.14
N TYR A 246 -9.44 1.47 7.40
CA TYR A 246 -8.35 1.71 8.31
C TYR A 246 -7.76 0.40 8.81
N ALA A 247 -6.49 0.43 9.23
CA ALA A 247 -5.82 -0.75 9.76
C ALA A 247 -5.73 -0.69 11.27
N SER A 248 -5.92 -1.84 11.91
CA SER A 248 -5.76 -1.98 13.31
C SER A 248 -5.20 -3.35 13.76
N HIS A 249 -4.70 -3.37 14.99
CA HIS A 249 -4.30 -4.58 15.65
C HIS A 249 -4.16 -4.31 17.17
N GLU A 250 -4.26 -5.36 17.97
CA GLU A 250 -3.80 -5.28 19.36
C GLU A 250 -2.34 -4.82 19.47
N ALA A 251 -2.13 -3.71 20.18
CA ALA A 251 -0.78 -3.26 20.45
C ALA A 251 -0.28 -4.15 21.60
N LEU A 252 0.51 -5.18 21.25
CA LEU A 252 0.96 -6.14 22.24
C LEU A 252 2.47 -6.19 22.40
N VAL A 253 3.18 -6.24 21.29
CA VAL A 253 4.61 -6.39 21.31
C VAL A 253 5.27 -5.01 21.32
N LEU A 254 5.65 -4.57 22.50
CA LEU A 254 6.12 -3.20 22.58
C LEU A 254 7.41 -2.89 21.80
N ASP A 255 8.26 -3.88 21.60
CA ASP A 255 9.41 -3.69 20.74
C ASP A 255 8.98 -3.22 19.33
N TYR A 256 7.86 -3.75 18.86
CA TYR A 256 7.33 -3.42 17.55
C TYR A 256 6.72 -2.02 17.57
N GLU A 257 5.80 -1.80 18.49
CA GLU A 257 5.05 -0.56 18.45
C GLU A 257 5.99 0.63 18.74
N ARG A 258 6.99 0.42 19.59
CA ARG A 258 7.90 1.56 19.82
C ARG A 258 8.81 1.82 18.62
N ALA A 259 9.17 0.77 17.87
CA ALA A 259 10.03 0.95 16.71
C ALA A 259 9.27 1.67 15.57
N MET A 260 7.95 1.59 15.62
CA MET A 260 7.14 2.19 14.56
C MET A 260 6.62 3.62 14.96
N LEU A 261 7.04 4.12 16.12
CA LEU A 261 6.77 5.50 16.48
C LEU A 261 7.42 6.51 15.54
N ARG A 262 6.67 7.54 15.17
CA ARG A 262 7.18 8.64 14.36
C ARG A 262 6.61 9.95 14.88
N LEU A 263 7.31 11.03 14.58
CA LEU A 263 6.90 12.37 14.98
C LEU A 263 6.25 13.06 13.79
N SER A 264 5.04 13.61 13.90
CA SER A 264 4.45 14.16 12.67
C SER A 264 5.18 15.46 12.27
N ASP A 265 4.95 15.90 11.02
CA ASP A 265 5.52 17.18 10.53
C ASP A 265 4.70 18.34 11.09
N GLY A 266 5.37 19.42 11.44
CA GLY A 266 4.72 20.59 12.11
C GLY A 266 3.26 20.91 11.78
N ASP A 267 2.98 21.28 10.53
CA ASP A 267 1.62 21.69 10.12
C ASP A 267 1.13 20.81 8.96
N GLY A 269 -2.20 22.40 17.51
CA GLY A 269 -1.41 21.78 16.46
C GLY A 269 -0.10 21.37 17.07
N GLU A 270 0.91 21.18 16.24
CA GLU A 270 2.15 20.67 16.77
C GLU A 270 2.44 19.23 16.30
N PRO A 271 3.73 18.88 16.32
CA PRO A 271 4.19 17.54 16.10
C PRO A 271 3.87 16.69 17.32
N GLN A 272 3.47 15.45 17.05
CA GLN A 272 3.08 14.56 18.11
C GLN A 272 3.72 13.22 17.88
N LEU A 273 3.66 12.37 18.90
CA LEU A 273 4.03 11.00 18.72
C LEU A 273 2.85 10.19 18.19
N PHE A 274 3.06 9.52 17.07
CA PHE A 274 2.07 8.61 16.48
C PHE A 274 2.73 7.25 16.33
N ASP A 275 1.94 6.20 16.52
CA ASP A 275 2.40 4.85 16.20
C ASP A 275 1.94 4.63 14.78
N LEU A 276 2.90 4.58 13.84
CA LEU A 276 2.55 4.38 12.45
C LEU A 276 2.60 2.92 11.96
N SER A 277 2.35 1.97 12.86
CA SER A 277 2.25 0.58 12.50
C SER A 277 0.84 0.27 12.10
N ALA A 278 -0.04 1.22 12.33
CA ALA A 278 -1.47 1.03 12.19
C ALA A 278 -2.17 2.39 12.28
N HIS A 279 -3.47 2.40 12.09
CA HIS A 279 -4.24 3.62 12.26
C HIS A 279 -4.76 3.73 13.69
N THR A 280 -5.29 2.64 14.20
CA THR A 280 -5.70 2.56 15.58
C THR A 280 -5.28 1.24 16.16
N VAL A 281 -5.10 1.19 17.48
CA VAL A 281 -4.70 -0.05 18.11
C VAL A 281 -5.54 -0.14 19.37
N TRP A 282 -5.64 -1.34 19.96
CA TRP A 282 -6.27 -1.49 21.24
C TRP A 282 -5.39 -2.35 22.19
N ILE A 283 -5.74 -2.32 23.47
CA ILE A 283 -5.03 -3.08 24.50
C ILE A 283 -5.92 -4.17 25.03
N GLY A 284 -5.39 -5.39 25.00
CA GLY A 284 -6.20 -6.57 25.37
C GLY A 284 -6.45 -6.72 26.87
N GLU A 285 -7.27 -7.73 27.20
CA GLU A 285 -7.65 -8.03 28.58
C GLU A 285 -6.45 -8.20 29.46
N ARG A 286 -5.42 -8.88 28.95
CA ARG A 286 -4.34 -9.39 29.77
C ARG A 286 -3.19 -8.42 29.90
N THR A 287 -3.30 -7.25 29.27
CA THR A 287 -2.17 -6.32 29.22
C THR A 287 -2.61 -4.90 29.54
N ARG A 288 -3.80 -4.78 30.10
CA ARG A 288 -4.35 -3.46 30.41
C ARG A 288 -4.14 -3.06 31.84
N GLN A 289 -3.12 -3.61 32.49
CA GLN A 289 -2.77 -3.23 33.84
C GLN A 289 -2.67 -1.70 33.88
N ILE A 290 -3.46 -1.09 34.76
CA ILE A 290 -3.51 0.36 34.84
C ILE A 290 -2.11 1.00 35.03
N ASP A 291 -1.22 0.37 35.77
N ASP A 291 -1.26 0.29 35.76
CA ASP A 291 0.10 0.97 35.93
CA ASP A 291 0.09 0.72 36.12
C ASP A 291 1.19 0.20 35.17
C ASP A 291 1.19 0.16 35.19
N GLY A 292 0.77 -0.43 34.07
CA GLY A 292 1.66 -1.16 33.16
C GLY A 292 2.09 -0.39 31.91
N ALA A 293 3.02 -0.96 31.15
CA ALA A 293 3.59 -0.27 30.00
C ALA A 293 2.62 -0.13 28.81
N HIS A 294 1.67 -1.06 28.65
CA HIS A 294 0.75 -0.95 27.50
C HIS A 294 -0.13 0.27 27.63
N ILE A 295 -0.76 0.40 28.77
CA ILE A 295 -1.59 1.56 29.03
C ILE A 295 -0.76 2.85 28.96
N ALA A 296 0.44 2.85 29.56
CA ALA A 296 1.29 4.07 29.52
C ALA A 296 1.68 4.42 28.08
N PHE A 297 1.85 3.39 27.26
CA PHE A 297 2.23 3.57 25.90
C PHE A 297 1.07 4.22 25.17
N ALA A 298 -0.11 3.66 25.36
CA ALA A 298 -1.31 4.27 24.80
C ALA A 298 -1.45 5.75 25.19
N GLN A 299 -0.97 6.13 26.37
CA GLN A 299 -1.10 7.49 26.84
C GLN A 299 -0.25 8.40 26.01
N VAL A 300 0.88 7.89 25.53
CA VAL A 300 1.82 8.81 24.91
C VAL A 300 1.53 8.94 23.42
N ILE A 301 0.88 7.95 22.83
CA ILE A 301 0.69 8.03 21.38
C ILE A 301 -0.55 8.87 21.06
N ALA A 302 -0.61 9.51 19.91
CA ALA A 302 -1.82 10.27 19.54
C ALA A 302 -2.91 9.46 18.82
N ASN A 303 -2.64 8.25 18.35
CA ASN A 303 -3.67 7.44 17.68
C ASN A 303 -4.91 7.29 18.53
N PRO A 304 -6.08 7.17 17.90
CA PRO A 304 -7.17 6.65 18.72
C PRO A 304 -6.81 5.26 19.22
N VAL A 305 -7.30 4.95 20.42
CA VAL A 305 -7.05 3.65 21.03
C VAL A 305 -8.31 3.07 21.65
N GLY A 306 -8.30 1.74 21.80
CA GLY A 306 -9.38 1.06 22.52
C GLY A 306 -8.81 0.18 23.63
N VAL A 307 -9.63 -0.08 24.65
CA VAL A 307 -9.32 -1.02 25.73
C VAL A 307 -10.43 -2.06 25.83
N LYS A 308 -10.06 -3.34 25.91
CA LYS A 308 -11.01 -4.39 26.04
C LYS A 308 -11.46 -4.46 27.47
N LEU A 309 -12.77 -4.54 27.68
CA LEU A 309 -13.31 -4.61 29.03
C LEU A 309 -14.07 -5.93 29.23
N GLY A 310 -13.50 -6.80 30.09
CA GLY A 310 -14.09 -8.10 30.42
C GLY A 310 -15.01 -8.10 31.63
N PRO A 311 -15.52 -9.29 31.98
CA PRO A 311 -16.48 -9.44 33.11
C PRO A 311 -16.00 -8.99 34.50
N ASN A 312 -14.70 -8.80 34.69
CA ASN A 312 -14.15 -8.33 35.98
C ASN A 312 -14.07 -6.80 36.09
N MET A 313 -14.37 -6.14 35.01
CA MET A 313 -14.30 -4.70 35.03
C MET A 313 -15.21 -4.14 36.10
N THR A 314 -14.70 -3.10 36.78
CA THR A 314 -15.50 -2.34 37.71
C THR A 314 -15.79 -0.98 37.07
N PRO A 315 -16.91 -0.38 37.40
CA PRO A 315 -17.11 0.95 36.86
C PRO A 315 -16.00 1.92 37.29
N GLU A 316 -15.48 1.75 38.49
CA GLU A 316 -14.34 2.58 38.93
C GLU A 316 -13.10 2.46 38.00
N LEU A 317 -12.68 1.24 37.69
CA LEU A 317 -11.52 1.03 36.83
C LEU A 317 -11.75 1.59 35.40
N ALA A 318 -12.94 1.37 34.85
CA ALA A 318 -13.31 1.99 33.57
C ALA A 318 -13.08 3.48 33.67
N VAL A 319 -13.56 4.11 34.74
CA VAL A 319 -13.37 5.56 34.88
C VAL A 319 -11.88 5.91 34.86
N GLU A 320 -11.05 5.12 35.50
CA GLU A 320 -9.61 5.39 35.47
C GLU A 320 -8.99 5.31 34.06
N TYR A 321 -9.41 4.33 33.29
CA TYR A 321 -9.00 4.25 31.88
C TYR A 321 -9.36 5.56 31.19
N VAL A 322 -10.59 6.03 31.42
CA VAL A 322 -11.07 7.26 30.77
C VAL A 322 -10.17 8.42 31.18
N GLU A 323 -9.81 8.51 32.44
CA GLU A 323 -8.98 9.62 32.90
C GLU A 323 -7.52 9.49 32.45
N ARG A 324 -6.98 8.28 32.40
CA ARG A 324 -5.62 8.12 31.85
C ARG A 324 -5.55 8.30 30.33
N LEU A 325 -6.51 7.78 29.60
CA LEU A 325 -6.38 7.71 28.16
C LEU A 325 -7.10 8.83 27.37
N ASP A 326 -7.96 9.59 28.05
CA ASP A 326 -8.63 10.69 27.35
C ASP A 326 -8.48 11.94 28.18
N PRO A 327 -7.26 12.19 28.64
CA PRO A 327 -7.07 13.30 29.59
C PRO A 327 -7.46 14.67 29.05
N HIS A 328 -7.61 14.80 27.73
CA HIS A 328 -8.04 16.08 27.12
C HIS A 328 -9.50 16.13 26.67
N ASN A 329 -10.31 15.12 27.00
CA ASN A 329 -11.71 15.11 26.58
C ASN A 329 -11.81 15.33 25.05
N LYS A 330 -11.15 14.47 24.29
CA LYS A 330 -11.31 14.43 22.85
C LYS A 330 -12.30 13.32 22.52
N PRO A 331 -13.52 13.66 22.10
CA PRO A 331 -14.45 12.60 21.78
C PRO A 331 -13.92 11.57 20.77
N GLY A 332 -14.04 10.30 21.13
CA GLY A 332 -13.64 9.24 20.23
C GLY A 332 -12.17 8.90 20.28
N ARG A 333 -11.37 9.65 21.02
CA ARG A 333 -10.01 9.21 21.20
C ARG A 333 -9.95 7.87 21.94
N LEU A 334 -10.91 7.61 22.80
CA LEU A 334 -10.96 6.30 23.47
C LEU A 334 -12.20 5.48 23.15
N THR A 335 -11.99 4.22 22.84
CA THR A 335 -13.07 3.31 22.64
C THR A 335 -13.00 2.27 23.75
N LEU A 336 -14.11 2.05 24.46
CA LEU A 336 -14.15 1.02 25.47
C LEU A 336 -14.90 -0.15 24.89
N VAL A 337 -14.25 -1.30 24.83
CA VAL A 337 -14.75 -2.42 24.05
C VAL A 337 -15.26 -3.51 24.95
N SER A 338 -16.58 -3.60 25.12
CA SER A 338 -17.07 -4.59 26.07
C SER A 338 -17.11 -5.99 25.50
N ARG A 339 -16.59 -6.94 26.25
CA ARG A 339 -16.66 -8.34 25.88
C ARG A 339 -16.92 -9.17 27.14
N MET A 340 -18.17 -9.53 27.34
CA MET A 340 -18.56 -10.04 28.63
C MET A 340 -19.25 -11.36 28.65
N GLY A 341 -19.67 -11.84 27.49
CA GLY A 341 -20.53 -12.99 27.39
C GLY A 341 -21.98 -12.53 27.31
N ASN A 342 -22.80 -13.21 26.52
CA ASN A 342 -24.19 -12.83 26.33
C ASN A 342 -25.04 -13.02 27.58
N HIS A 343 -24.67 -14.01 28.37
CA HIS A 343 -25.35 -14.27 29.62
C HIS A 343 -25.06 -13.16 30.65
N LYS A 344 -24.00 -12.39 30.46
CA LYS A 344 -23.58 -11.42 31.49
C LYS A 344 -23.73 -9.95 31.11
N VAL A 345 -23.76 -9.66 29.80
CA VAL A 345 -23.65 -8.28 29.35
C VAL A 345 -24.81 -7.41 29.84
N ARG A 346 -26.00 -7.99 29.95
CA ARG A 346 -27.15 -7.21 30.43
C ARG A 346 -27.01 -6.70 31.87
N ASP A 347 -26.35 -7.49 32.72
CA ASP A 347 -26.13 -7.10 34.11
C ASP A 347 -24.86 -6.30 34.26
N LEU A 348 -23.77 -6.74 33.64
CA LEU A 348 -22.47 -6.17 33.96
C LEU A 348 -22.20 -4.79 33.35
N LEU A 349 -22.71 -4.57 32.14
CA LEU A 349 -22.39 -3.36 31.40
C LEU A 349 -23.09 -2.06 31.85
N PRO A 350 -24.36 -2.14 32.28
CA PRO A 350 -25.04 -0.88 32.64
C PRO A 350 -24.31 -0.02 33.65
N PRO A 351 -23.84 -0.62 34.76
CA PRO A 351 -23.15 0.26 35.74
C PRO A 351 -21.89 0.90 35.16
N ILE A 352 -21.17 0.18 34.31
CA ILE A 352 -19.97 0.75 33.73
C ILE A 352 -20.31 1.99 32.89
N VAL A 353 -21.27 1.83 32.00
CA VAL A 353 -21.68 2.94 31.17
C VAL A 353 -22.12 4.14 31.99
N GLU A 354 -22.90 3.91 33.04
CA GLU A 354 -23.39 5.03 33.83
C GLU A 354 -22.24 5.81 34.42
N LYS A 355 -21.38 5.11 35.14
CA LYS A 355 -20.23 5.71 35.78
C LYS A 355 -19.34 6.45 34.79
N VAL A 356 -19.12 5.87 33.61
CA VAL A 356 -18.30 6.54 32.60
C VAL A 356 -19.03 7.73 31.98
N GLN A 357 -20.33 7.61 31.74
CA GLN A 357 -21.05 8.77 31.18
C GLN A 357 -20.97 9.97 32.14
N ALA A 358 -20.95 9.72 33.44
CA ALA A 358 -21.03 10.82 34.41
C ALA A 358 -19.74 11.62 34.43
N THR A 359 -18.72 11.11 33.77
CA THR A 359 -17.42 11.78 33.74
C THR A 359 -17.41 12.97 32.79
N GLY A 360 -18.40 13.05 31.92
CA GLY A 360 -18.46 14.11 30.93
C GLY A 360 -17.66 13.79 29.67
N HIS A 361 -16.82 12.75 29.72
CA HIS A 361 -16.08 12.30 28.54
C HIS A 361 -16.95 11.58 27.51
N GLN A 362 -16.56 11.64 26.24
CA GLN A 362 -17.29 10.91 25.21
C GLN A 362 -16.46 9.77 24.64
N VAL A 363 -16.62 8.57 25.18
CA VAL A 363 -15.98 7.40 24.65
C VAL A 363 -16.86 6.75 23.60
N ILE A 364 -16.32 5.85 22.81
CA ILE A 364 -17.13 5.01 21.96
C ILE A 364 -17.41 3.69 22.69
N TRP A 365 -18.67 3.29 22.75
CA TRP A 365 -19.00 1.97 23.27
C TRP A 365 -19.11 1.01 22.10
N GLN A 366 -18.30 -0.03 22.13
CA GLN A 366 -18.22 -0.96 21.05
C GLN A 366 -18.32 -2.33 21.65
N CYS A 367 -19.01 -3.23 20.93
CA CYS A 367 -19.31 -4.53 21.43
C CYS A 367 -18.43 -5.54 20.75
N ASP A 368 -17.69 -6.29 21.55
CA ASP A 368 -16.94 -7.43 21.09
C ASP A 368 -17.67 -8.68 21.56
N PRO A 369 -18.48 -9.28 20.69
CA PRO A 369 -19.29 -10.40 21.09
C PRO A 369 -18.62 -11.77 20.98
N MET A 370 -17.31 -11.82 20.70
CA MET A 370 -16.60 -13.07 20.46
C MET A 370 -15.88 -13.53 21.71
N HIS A 371 -15.02 -12.66 22.23
CA HIS A 371 -13.99 -13.08 23.21
C HIS A 371 -14.60 -13.35 24.54
N GLY A 372 -15.93 -13.50 24.58
CA GLY A 372 -16.62 -13.80 25.81
C GLY A 372 -17.43 -15.07 25.69
N ASN A 373 -17.51 -15.59 24.48
CA ASN A 373 -18.40 -16.71 24.20
C ASN A 373 -17.67 -17.93 23.63
N THR A 374 -16.48 -18.23 24.16
CA THR A 374 -15.70 -19.38 23.70
C THR A 374 -15.84 -20.60 24.63
N HIS A 375 -16.13 -21.78 24.07
CA HIS A 375 -16.20 -23.04 24.87
C HIS A 375 -15.50 -24.25 24.18
N GLY A 380 -13.54 -31.49 19.79
CA GLY A 380 -12.09 -31.28 19.82
C GLY A 380 -11.69 -29.81 19.76
N PHE A 381 -12.28 -29.06 18.82
CA PHE A 381 -11.85 -27.69 18.49
C PHE A 381 -12.47 -26.68 19.45
N LYS A 382 -11.79 -25.56 19.68
CA LYS A 382 -12.44 -24.41 20.33
C LYS A 382 -13.34 -23.63 19.37
N THR A 383 -14.63 -23.60 19.72
CA THR A 383 -15.67 -23.02 18.89
C THR A 383 -16.53 -22.05 19.71
N ARG A 384 -17.36 -21.27 19.00
CA ARG A 384 -18.33 -20.31 19.58
C ARG A 384 -19.72 -20.49 18.92
N HIS A 385 -20.79 -20.37 19.69
CA HIS A 385 -22.11 -20.45 19.08
C HIS A 385 -22.55 -19.07 18.55
N PHE A 386 -22.89 -19.07 17.28
CA PHE A 386 -23.41 -17.93 16.58
C PHE A 386 -24.56 -17.29 17.37
N ASP A 387 -25.46 -18.11 17.92
CA ASP A 387 -26.61 -17.55 18.63
C ASP A 387 -26.16 -16.74 19.85
N ARG A 388 -25.17 -17.24 20.60
CA ARG A 388 -24.69 -16.53 21.76
C ARG A 388 -23.95 -15.24 21.33
N ILE A 389 -23.30 -15.27 20.18
CA ILE A 389 -22.68 -14.07 19.60
C ILE A 389 -23.72 -13.03 19.28
N VAL A 390 -24.77 -13.42 18.56
CA VAL A 390 -25.82 -12.48 18.19
C VAL A 390 -26.45 -11.91 19.45
N ASP A 391 -26.70 -12.79 20.43
CA ASP A 391 -27.39 -12.38 21.64
C ASP A 391 -26.58 -11.39 22.45
N GLU A 392 -25.25 -11.42 22.37
CA GLU A 392 -24.50 -10.45 23.16
C GLU A 392 -24.67 -9.08 22.55
N VAL A 393 -24.62 -9.01 21.24
CA VAL A 393 -24.85 -7.72 20.56
C VAL A 393 -26.26 -7.23 20.90
N GLN A 394 -27.20 -8.15 20.92
CA GLN A 394 -28.58 -7.83 21.21
C GLN A 394 -28.69 -7.21 22.58
N GLY A 395 -28.08 -7.84 23.57
CA GLY A 395 -28.09 -7.34 24.95
C GLY A 395 -27.38 -6.02 25.04
N PHE A 396 -26.26 -5.91 24.33
CA PHE A 396 -25.48 -4.68 24.31
C PHE A 396 -26.38 -3.57 23.84
N PHE A 397 -27.11 -3.80 22.76
CA PHE A 397 -28.10 -2.79 22.31
C PHE A 397 -29.15 -2.51 23.37
N GLU A 398 -29.57 -3.54 24.10
CA GLU A 398 -30.61 -3.34 25.11
C GLU A 398 -30.11 -2.43 26.24
N VAL A 399 -28.87 -2.59 26.64
CA VAL A 399 -28.28 -1.71 27.66
C VAL A 399 -28.35 -0.24 27.23
N HIS A 400 -27.77 0.05 26.07
CA HIS A 400 -27.77 1.42 25.54
C HIS A 400 -29.16 2.02 25.31
N ARG A 401 -30.05 1.28 24.67
CA ARG A 401 -31.44 1.74 24.54
C ARG A 401 -32.02 2.06 25.93
N ALA A 402 -31.81 1.22 26.92
CA ALA A 402 -32.32 1.52 28.26
C ALA A 402 -31.69 2.79 28.82
N LEU A 403 -30.42 3.06 28.50
CA LEU A 403 -29.71 4.17 29.15
C LEU A 403 -29.71 5.48 28.35
N GLY A 404 -30.23 5.43 27.13
CA GLY A 404 -30.18 6.58 26.22
C GLY A 404 -28.78 6.90 25.69
N THR A 405 -27.88 5.91 25.76
CA THR A 405 -26.52 6.11 25.26
C THR A 405 -26.36 5.43 23.89
N HIS A 406 -25.23 5.66 23.27
CA HIS A 406 -25.03 5.20 21.90
C HIS A 406 -24.39 3.84 21.87
N PRO A 407 -25.09 2.88 21.27
CA PRO A 407 -24.40 1.64 20.96
C PRO A 407 -23.51 1.88 19.71
N GLY A 408 -22.21 2.08 19.89
CA GLY A 408 -21.38 2.75 18.88
C GLY A 408 -20.72 1.89 17.81
N GLY A 409 -20.71 0.59 18.01
CA GLY A 409 -20.11 -0.28 17.01
C GLY A 409 -19.90 -1.70 17.43
N ILE A 410 -19.33 -2.48 16.52
CA ILE A 410 -18.97 -3.87 16.83
C ILE A 410 -17.54 -4.21 16.47
N HIS A 411 -17.01 -5.21 17.14
CA HIS A 411 -15.64 -5.69 16.95
C HIS A 411 -15.78 -7.18 16.80
N VAL A 412 -15.37 -7.69 15.67
CA VAL A 412 -15.80 -9.01 15.31
C VAL A 412 -14.65 -9.71 14.56
N GLU A 413 -14.53 -11.02 14.77
CA GLU A 413 -13.42 -11.80 14.17
C GLU A 413 -13.95 -12.65 13.05
N ILE A 414 -13.43 -12.44 11.85
CA ILE A 414 -14.07 -12.95 10.62
C ILE A 414 -13.06 -13.36 9.58
N THR A 415 -13.56 -13.76 8.40
CA THR A 415 -12.74 -13.97 7.19
C THR A 415 -13.62 -14.07 5.87
N GLY A 416 -12.97 -13.89 4.72
CA GLY A 416 -13.60 -14.14 3.41
C GLY A 416 -13.70 -15.63 3.03
N GLU A 417 -12.89 -16.46 3.71
CA GLU A 417 -12.84 -17.91 3.45
C GLU A 417 -14.12 -18.61 3.89
N ASN A 418 -14.44 -19.71 3.21
CA ASN A 418 -15.51 -20.60 3.65
C ASN A 418 -15.04 -21.60 4.72
N VAL A 419 -14.65 -21.06 5.89
CA VAL A 419 -14.19 -21.88 7.03
C VAL A 419 -15.37 -22.51 7.79
N THR A 420 -15.06 -23.25 8.85
CA THR A 420 -16.09 -23.84 9.70
C THR A 420 -15.91 -23.39 11.16
N LEU A 423 -16.55 -21.80 13.88
CA LEU A 423 -17.84 -21.49 14.48
C LEU A 423 -19.00 -22.34 13.94
N GLY A 424 -20.04 -22.52 14.76
CA GLY A 424 -21.19 -23.36 14.39
C GLY A 424 -22.58 -22.77 14.57
N GLY A 425 -23.33 -22.62 13.46
CA GLY A 425 -24.75 -22.25 13.52
C GLY A 425 -25.28 -21.14 12.60
N ALA A 426 -24.50 -20.74 11.58
CA ALA A 426 -24.99 -19.78 10.56
C ALA A 426 -26.22 -20.34 9.87
N GLN A 427 -25.95 -21.23 8.92
CA GLN A 427 -26.88 -22.26 8.50
C GLN A 427 -26.17 -23.64 8.57
N ASP A 428 -26.40 -24.34 9.69
CA ASP A 428 -25.89 -25.71 9.91
C ASP A 428 -24.36 -25.80 10.03
N ILE A 429 -23.86 -25.68 11.26
CA ILE A 429 -22.47 -26.10 11.60
C ILE A 429 -22.46 -26.69 13.01
N LEU A 434 -16.77 -28.94 11.58
CA LEU A 434 -15.62 -28.31 12.24
C LEU A 434 -14.29 -28.95 11.85
N ALA A 435 -14.29 -30.25 11.73
CA ALA A 435 -13.12 -30.95 11.19
C ALA A 435 -12.87 -30.55 9.72
N GLY A 436 -13.92 -30.05 9.06
CA GLY A 436 -13.88 -29.66 7.65
C GLY A 436 -12.86 -28.60 7.31
N ARG A 437 -13.10 -27.36 7.73
CA ARG A 437 -12.19 -26.25 7.38
C ARG A 437 -11.86 -25.31 8.58
N TYR A 438 -11.31 -25.89 9.66
CA TYR A 438 -10.83 -25.12 10.83
C TYR A 438 -9.38 -24.62 10.56
N GLU A 439 -9.28 -23.45 9.90
CA GLU A 439 -8.01 -22.96 9.34
C GLU A 439 -7.29 -21.92 10.19
N THR A 440 -8.01 -21.27 11.10
CA THR A 440 -7.44 -20.27 12.03
C THR A 440 -6.18 -20.74 12.83
N ALA A 441 -5.26 -19.81 13.03
CA ALA A 441 -4.14 -20.01 13.93
C ALA A 441 -4.53 -19.50 15.32
N CYS A 442 -5.83 -19.35 15.57
CA CYS A 442 -6.31 -18.94 16.89
C CYS A 442 -7.75 -19.43 17.15
N ASP A 443 -8.60 -18.46 17.49
CA ASP A 443 -10.02 -18.64 17.80
C ASP A 443 -10.86 -18.82 16.53
N PRO A 444 -11.95 -19.62 16.64
CA PRO A 444 -12.96 -19.80 15.58
C PRO A 444 -13.40 -18.45 14.99
N ARG A 445 -13.31 -18.36 13.67
N ARG A 445 -13.10 -18.18 13.73
CA ARG A 445 -13.27 -17.07 12.95
CA ARG A 445 -13.39 -16.84 13.22
C ARG A 445 -14.50 -16.74 12.09
C ARG A 445 -14.88 -16.56 13.23
N LEU A 446 -15.64 -17.33 12.43
CA LEU A 446 -16.91 -16.81 11.97
C LEU A 446 -16.86 -16.53 10.49
N ASN A 447 -17.19 -17.51 9.68
CA ASN A 447 -16.84 -17.46 8.29
C ASN A 447 -17.53 -16.33 7.55
N THR A 448 -17.15 -16.17 6.29
CA THR A 448 -17.71 -15.13 5.44
C THR A 448 -19.25 -15.07 5.54
N GLN A 449 -19.91 -16.21 5.51
CA GLN A 449 -21.36 -16.20 5.48
C GLN A 449 -21.93 -15.80 6.83
N GLN A 450 -21.25 -16.17 7.91
CA GLN A 450 -21.80 -15.85 9.21
C GLN A 450 -21.64 -14.38 9.55
N SER A 451 -20.51 -13.79 9.22
CA SER A 451 -20.32 -12.39 9.48
C SER A 451 -21.31 -11.53 8.70
N LEU A 452 -21.76 -11.98 7.54
CA LEU A 452 -22.67 -11.16 6.78
C LEU A 452 -24.03 -11.29 7.39
N GLU A 453 -24.34 -12.48 7.88
CA GLU A 453 -25.61 -12.72 8.56
C GLU A 453 -25.70 -11.88 9.80
N LEU A 454 -24.59 -11.82 10.53
CA LEU A 454 -24.54 -11.02 11.75
C LEU A 454 -24.81 -9.59 11.37
N ALA A 455 -24.25 -9.17 10.24
CA ALA A 455 -24.44 -7.81 9.80
C ALA A 455 -25.93 -7.52 9.54
N PHE A 456 -26.62 -8.45 8.88
CA PHE A 456 -28.06 -8.28 8.67
C PHE A 456 -28.82 -8.25 10.02
N LEU A 457 -28.47 -9.15 10.94
CA LEU A 457 -29.13 -9.18 12.24
C LEU A 457 -28.84 -7.91 13.01
N VAL A 458 -27.64 -7.36 12.92
CA VAL A 458 -27.35 -6.14 13.69
C VAL A 458 -28.03 -4.94 13.02
N ALA A 459 -28.11 -4.97 11.70
CA ALA A 459 -28.85 -3.94 10.98
C ALA A 459 -30.27 -3.84 11.49
N GLU A 460 -30.90 -4.98 11.71
CA GLU A 460 -32.25 -5.00 12.23
C GLU A 460 -32.26 -4.45 13.65
N MET A 461 -31.23 -4.73 14.46
CA MET A 461 -31.21 -4.12 15.78
C MET A 461 -31.14 -2.61 15.66
N LEU A 462 -30.47 -2.10 14.66
CA LEU A 462 -30.38 -0.65 14.48
C LEU A 462 -31.70 0.02 13.98
N ARG A 463 -32.48 -0.66 13.17
CA ARG A 463 -33.76 -0.11 12.68
C ARG A 463 -34.82 -0.29 13.75
N ASP A 464 -34.75 -1.46 14.38
CA ASP A 464 -35.53 -1.91 15.54
C ASP A 464 -35.82 -0.74 16.43
N GLY B 1 17.69 -16.03 11.44
CA GLY B 1 17.13 -15.50 12.71
C GLY B 1 17.89 -14.24 13.02
N ALA B 2 17.52 -13.56 14.09
CA ALA B 2 18.18 -12.29 14.40
C ALA B 2 19.70 -12.46 14.50
N MET B 3 20.13 -13.47 15.26
CA MET B 3 21.56 -13.79 15.50
C MET B 3 22.39 -13.66 14.22
N ASN B 4 21.79 -14.11 13.11
CA ASN B 4 22.45 -14.12 11.81
C ASN B 4 22.01 -13.00 10.87
N TRP B 5 21.26 -12.03 11.39
CA TRP B 5 20.76 -10.92 10.58
C TRP B 5 20.01 -11.42 9.32
N THR B 6 19.23 -12.48 9.48
CA THR B 6 18.39 -12.95 8.39
C THR B 6 16.93 -13.18 8.78
N VAL B 7 16.06 -13.09 7.80
CA VAL B 7 14.68 -13.52 8.00
C VAL B 7 14.54 -14.87 7.32
N ASP B 8 14.11 -15.87 8.05
CA ASP B 8 14.03 -17.21 7.50
C ASP B 8 12.64 -17.55 7.01
N ILE B 9 12.51 -17.78 5.71
CA ILE B 9 11.23 -18.09 5.12
C ILE B 9 11.20 -19.51 4.62
N PRO B 10 10.22 -20.29 5.10
CA PRO B 10 10.11 -21.67 4.62
C PRO B 10 9.41 -21.72 3.27
N ILE B 11 9.90 -22.53 2.34
CA ILE B 11 9.36 -22.54 0.97
C ILE B 11 8.30 -23.62 0.75
N ASP B 12 8.56 -24.83 1.25
CA ASP B 12 7.52 -25.86 1.34
C ASP B 12 6.31 -25.25 2.05
N GLN B 13 5.10 -25.70 1.71
CA GLN B 13 3.91 -25.08 2.33
C GLN B 13 3.96 -23.52 2.18
N LEU B 14 4.25 -23.06 0.96
CA LEU B 14 3.98 -21.69 0.54
C LEU B 14 2.77 -21.74 -0.41
N PRO B 15 1.89 -20.73 -0.35
CA PRO B 15 0.78 -20.69 -1.29
C PRO B 15 1.30 -20.57 -2.72
N SER B 16 0.96 -21.58 -3.53
CA SER B 16 1.39 -21.67 -4.92
C SER B 16 0.48 -20.83 -5.83
N LEU B 17 0.85 -20.72 -7.08
CA LEU B 17 0.00 -20.07 -8.07
C LEU B 17 -0.86 -21.18 -8.71
N PRO B 18 -2.11 -20.84 -9.13
CA PRO B 18 -2.91 -21.77 -9.98
C PRO B 18 -2.26 -21.94 -11.35
N PRO B 19 -2.63 -23.00 -12.11
CA PRO B 19 -2.00 -23.17 -13.42
C PRO B 19 -2.50 -22.12 -14.37
N LEU B 20 -1.58 -21.51 -15.09
CA LEU B 20 -1.93 -20.63 -16.20
C LEU B 20 -2.82 -21.26 -17.28
N PRO B 21 -3.64 -20.43 -17.92
CA PRO B 21 -4.19 -20.96 -19.15
C PRO B 21 -3.07 -21.50 -20.04
N THR B 22 -3.20 -22.78 -20.33
CA THR B 22 -2.23 -23.52 -21.11
C THR B 22 -1.50 -22.60 -22.07
N ASP B 23 -2.29 -21.83 -22.74
CA ASP B 23 -1.73 -20.95 -23.75
C ASP B 23 -0.89 -19.79 -23.23
N LEU B 24 -1.22 -19.20 -22.07
CA LEU B 24 -0.36 -18.17 -21.56
C LEU B 24 0.95 -18.81 -21.13
N ARG B 25 0.87 -20.07 -20.68
CA ARG B 25 2.02 -20.78 -20.20
C ARG B 25 3.01 -20.88 -21.32
N THR B 26 2.50 -21.46 -22.38
CA THR B 26 3.23 -21.67 -23.59
C THR B 26 3.84 -20.37 -24.11
N ARG B 27 3.02 -19.37 -24.20
CA ARG B 27 3.56 -18.13 -24.69
C ARG B 27 4.63 -17.56 -23.75
N LEU B 28 4.41 -17.66 -22.45
CA LEU B 28 5.39 -17.13 -21.51
C LEU B 28 6.71 -17.93 -21.55
N ASP B 29 6.65 -19.26 -21.49
CA ASP B 29 7.88 -20.07 -21.64
C ASP B 29 8.62 -19.73 -22.98
N ALA B 30 7.86 -19.62 -24.07
CA ALA B 30 8.47 -19.27 -25.36
C ALA B 30 9.21 -17.92 -25.24
N ALA B 31 8.59 -16.94 -24.60
CA ALA B 31 9.23 -15.64 -24.47
C ALA B 31 10.48 -15.73 -23.63
N LEU B 32 10.42 -16.40 -22.50
CA LEU B 32 11.60 -16.46 -21.66
C LEU B 32 12.74 -17.38 -22.14
N ALA B 33 12.48 -18.30 -23.08
CA ALA B 33 13.52 -19.17 -23.61
C ALA B 33 14.42 -18.39 -24.54
N LYS B 34 14.00 -17.21 -24.96
CA LYS B 34 14.79 -16.41 -25.89
C LYS B 34 16.00 -15.84 -25.13
N PRO B 35 17.03 -15.40 -25.85
CA PRO B 35 18.21 -14.93 -25.14
C PRO B 35 17.89 -13.60 -24.47
N ALA B 36 18.44 -13.42 -23.27
CA ALA B 36 18.25 -12.24 -22.46
C ALA B 36 19.60 -11.57 -22.11
N ALA B 37 19.83 -10.36 -22.56
CA ALA B 37 20.98 -9.58 -22.12
C ALA B 37 20.88 -9.12 -20.61
N GLN B 38 22.04 -8.78 -20.07
CA GLN B 38 22.18 -8.06 -18.80
C GLN B 38 21.56 -8.74 -17.61
N GLN B 39 21.52 -10.06 -17.60
CA GLN B 39 20.90 -10.76 -16.53
C GLN B 39 21.90 -11.12 -15.45
N PRO B 40 21.46 -11.09 -14.20
CA PRO B 40 22.34 -11.52 -13.12
C PRO B 40 22.77 -12.95 -13.34
N THR B 41 23.92 -13.34 -12.81
CA THR B 41 24.42 -14.69 -13.00
C THR B 41 24.40 -15.39 -11.67
N TRP B 42 23.25 -15.64 -11.07
CA TRP B 42 23.17 -16.45 -9.86
C TRP B 42 22.63 -17.82 -10.21
N PRO B 43 22.68 -18.74 -9.27
CA PRO B 43 22.31 -20.10 -9.65
C PRO B 43 20.81 -20.25 -9.87
N ALA B 44 20.43 -21.11 -10.83
CA ALA B 44 19.01 -21.41 -11.14
C ALA B 44 18.22 -21.82 -9.91
N ASP B 45 18.82 -22.63 -9.07
CA ASP B 45 18.05 -23.24 -8.04
C ASP B 45 17.68 -22.21 -6.98
N GLN B 46 18.62 -21.31 -6.69
CA GLN B 46 18.40 -20.27 -5.72
C GLN B 46 17.41 -19.25 -6.24
N ALA B 47 17.56 -18.88 -7.50
CA ALA B 47 16.61 -18.02 -8.18
C ALA B 47 15.17 -18.61 -8.08
N LEU B 48 15.04 -19.89 -8.37
CA LEU B 48 13.73 -20.52 -8.39
C LEU B 48 13.11 -20.37 -7.00
N ALA B 49 13.91 -20.62 -5.99
CA ALA B 49 13.37 -20.58 -4.65
C ALA B 49 12.87 -19.16 -4.33
N MET B 50 13.66 -18.15 -4.68
CA MET B 50 13.27 -16.78 -4.43
C MET B 50 12.00 -16.47 -5.23
N ARG B 51 11.93 -16.88 -6.50
CA ARG B 51 10.76 -16.62 -7.34
C ARG B 51 9.51 -17.20 -6.67
N THR B 52 9.70 -18.33 -6.02
CA THR B 52 8.57 -19.06 -5.46
C THR B 52 8.00 -18.30 -4.29
N VAL B 53 8.88 -17.63 -3.57
CA VAL B 53 8.45 -16.70 -2.53
C VAL B 53 7.61 -15.56 -3.10
N LEU B 54 8.15 -14.85 -4.10
CA LEU B 54 7.44 -13.72 -4.69
C LEU B 54 6.14 -14.12 -5.36
N GLU B 55 6.01 -15.39 -5.75
CA GLU B 55 4.82 -15.79 -6.43
C GLU B 55 3.65 -15.76 -5.48
N SER B 56 3.95 -15.67 -4.20
CA SER B 56 2.87 -15.72 -3.19
C SER B 56 2.67 -14.46 -2.39
N VAL B 57 3.46 -13.43 -2.66
CA VAL B 57 3.24 -12.19 -1.94
C VAL B 57 2.16 -11.32 -2.58
N PRO B 58 1.62 -10.39 -1.80
CA PRO B 58 0.74 -9.35 -2.33
C PRO B 58 1.40 -8.60 -3.49
N PRO B 59 0.64 -8.29 -4.56
CA PRO B 59 1.21 -7.59 -5.67
C PRO B 59 1.55 -6.14 -5.31
N VAL B 60 2.44 -5.50 -6.06
CA VAL B 60 2.73 -4.09 -5.79
C VAL B 60 1.60 -3.19 -6.32
N THR B 61 0.99 -3.60 -7.43
CA THR B 61 -0.11 -2.90 -8.06
C THR B 61 -1.20 -3.93 -8.41
N VAL B 62 -2.39 -3.47 -8.81
CA VAL B 62 -3.46 -4.41 -9.16
C VAL B 62 -3.97 -4.15 -10.57
N PRO B 63 -4.55 -5.17 -11.23
CA PRO B 63 -4.88 -5.00 -12.67
C PRO B 63 -5.72 -3.79 -13.01
N SER B 64 -6.68 -3.48 -12.17
CA SER B 64 -7.57 -2.44 -12.58
C SER B 64 -6.90 -1.07 -12.51
N GLU B 65 -5.82 -0.90 -11.75
CA GLU B 65 -5.12 0.37 -11.84
C GLU B 65 -4.40 0.48 -13.20
N ILE B 66 -3.92 -0.64 -13.68
CA ILE B 66 -3.10 -0.68 -14.91
C ILE B 66 -4.01 -0.43 -16.11
N VAL B 67 -5.17 -0.98 -16.04
CA VAL B 67 -6.24 -0.66 -16.95
C VAL B 67 -6.66 0.81 -16.88
N ARG B 68 -6.85 1.35 -15.71
CA ARG B 68 -7.03 2.81 -15.63
C ARG B 68 -5.88 3.63 -16.29
N LEU B 69 -4.63 3.20 -16.06
CA LEU B 69 -3.48 3.92 -16.65
C LEU B 69 -3.53 3.90 -18.17
N GLN B 70 -3.79 2.74 -18.71
CA GLN B 70 -3.90 2.53 -20.13
C GLN B 70 -4.87 3.56 -20.76
N GLU B 71 -5.99 3.82 -20.09
CA GLU B 71 -6.96 4.79 -20.59
C GLU B 71 -6.43 6.20 -20.51
N GLN B 72 -5.70 6.51 -19.44
CA GLN B 72 -5.10 7.81 -19.30
C GLN B 72 -3.99 8.03 -20.33
N LEU B 73 -3.19 6.98 -20.57
CA LEU B 73 -2.14 7.04 -21.60
C LEU B 73 -2.73 7.12 -23.01
N ALA B 74 -3.93 6.60 -23.18
CA ALA B 74 -4.58 6.71 -24.50
C ALA B 74 -4.85 8.18 -24.80
N GLN B 75 -5.28 8.96 -23.81
CA GLN B 75 -5.41 10.42 -23.97
C GLN B 75 -4.11 11.11 -24.37
N VAL B 76 -3.01 10.72 -23.75
CA VAL B 76 -1.74 11.25 -24.14
C VAL B 76 -1.49 10.95 -25.62
N ALA B 77 -1.65 9.69 -26.01
CA ALA B 77 -1.34 9.25 -27.36
C ALA B 77 -2.10 10.06 -28.37
N LYS B 78 -3.30 10.47 -27.98
CA LYS B 78 -4.21 11.21 -28.86
C LYS B 78 -3.95 12.68 -28.87
N GLY B 79 -2.95 13.15 -28.13
CA GLY B 79 -2.64 14.58 -28.11
C GLY B 79 -3.50 15.35 -27.12
N GLU B 80 -4.00 14.70 -26.10
CA GLU B 80 -4.90 15.34 -25.18
C GLU B 80 -4.55 15.25 -23.72
N ALA B 81 -3.38 14.66 -23.47
CA ALA B 81 -2.78 14.65 -22.17
C ALA B 81 -1.27 14.67 -22.39
N PHE B 82 -0.52 14.77 -21.29
CA PHE B 82 0.93 14.83 -21.38
C PHE B 82 1.51 13.92 -20.30
N LEU B 83 2.55 13.19 -20.64
CA LEU B 83 3.15 12.21 -19.71
C LEU B 83 4.39 12.76 -19.04
N LEU B 84 4.37 12.78 -17.73
CA LEU B 84 5.56 13.13 -16.97
C LEU B 84 6.01 11.92 -16.18
N GLN B 85 7.22 11.45 -16.47
CA GLN B 85 7.85 10.33 -15.77
C GLN B 85 9.16 10.79 -15.17
N GLY B 86 9.38 10.45 -13.91
CA GLY B 86 10.55 10.96 -13.23
C GLY B 86 10.76 10.33 -11.89
N GLY B 87 11.99 10.40 -11.40
CA GLY B 87 12.35 9.77 -10.14
C GLY B 87 13.84 9.45 -10.13
N ASP B 88 14.26 8.76 -9.06
CA ASP B 88 15.64 8.32 -8.94
C ASP B 88 16.10 7.57 -10.18
N CYS B 89 17.33 7.85 -10.56
CA CYS B 89 17.98 7.07 -11.55
C CYS B 89 18.00 5.62 -11.06
N ALA B 90 18.48 5.43 -9.83
CA ALA B 90 18.37 4.13 -9.16
C ALA B 90 17.91 4.30 -7.73
N GLU B 91 16.89 3.59 -7.33
CA GLU B 91 16.56 3.57 -5.90
C GLU B 91 17.60 2.70 -5.21
N THR B 92 17.85 2.98 -3.95
CA THR B 92 18.67 2.10 -3.11
C THR B 92 17.90 1.72 -1.86
N PHE B 93 18.13 0.53 -1.37
CA PHE B 93 17.52 0.07 -0.14
C PHE B 93 17.86 1.04 1.02
N MET B 94 19.07 1.58 0.99
CA MET B 94 19.54 2.46 2.05
C MET B 94 18.84 3.82 2.07
N ASP B 95 18.38 4.31 0.92
CA ASP B 95 17.58 5.52 0.88
C ASP B 95 16.07 5.30 0.78
N ASN B 96 15.60 4.07 0.87
CA ASN B 96 14.20 3.79 0.76
C ASN B 96 13.48 4.20 2.05
N THR B 97 13.47 5.50 2.31
CA THR B 97 12.96 6.06 3.57
C THR B 97 11.89 7.10 3.32
N GLU B 98 11.12 7.39 4.37
CA GLU B 98 10.05 8.36 4.30
C GLU B 98 10.51 9.73 3.82
N PRO B 99 11.62 10.25 4.35
CA PRO B 99 11.96 11.57 3.77
C PRO B 99 12.36 11.48 2.29
N HIS B 100 13.06 10.44 1.89
CA HIS B 100 13.56 10.43 0.55
C HIS B 100 12.41 10.24 -0.42
N ILE B 101 11.53 9.30 -0.09
CA ILE B 101 10.30 9.06 -0.88
C ILE B 101 9.41 10.32 -0.94
N ARG B 102 9.09 10.94 0.20
CA ARG B 102 8.35 12.22 0.23
C ARG B 102 9.02 13.21 -0.73
N GLY B 103 10.33 13.30 -0.65
CA GLY B 103 11.00 14.31 -1.41
C GLY B 103 10.74 14.12 -2.89
N ASN B 104 10.87 12.87 -3.35
CA ASN B 104 10.70 12.56 -4.76
C ASN B 104 9.29 12.73 -5.23
N VAL B 105 8.35 12.39 -4.36
CA VAL B 105 6.93 12.52 -4.70
C VAL B 105 6.58 14.00 -4.81
N ARG B 106 7.09 14.77 -3.86
N ARG B 106 7.06 14.77 -3.86
CA ARG B 106 6.96 16.22 -3.91
CA ARG B 106 6.93 16.21 -3.91
C ARG B 106 7.52 16.86 -5.20
C ARG B 106 7.51 16.85 -5.20
N ALA B 107 8.77 16.52 -5.52
CA ALA B 107 9.43 17.07 -6.69
C ALA B 107 8.64 16.74 -7.94
N LEU B 108 8.14 15.52 -8.01
CA LEU B 108 7.41 15.10 -9.16
C LEU B 108 6.12 15.93 -9.26
N LEU B 109 5.40 16.04 -8.14
CA LEU B 109 4.15 16.77 -8.12
C LEU B 109 4.36 18.25 -8.46
N GLN B 110 5.43 18.83 -7.92
CA GLN B 110 5.79 20.20 -8.25
C GLN B 110 5.97 20.38 -9.74
N MET B 111 6.67 19.46 -10.39
CA MET B 111 6.78 19.51 -11.84
C MET B 111 5.40 19.40 -12.49
N ALA B 112 4.60 18.50 -12.00
CA ALA B 112 3.33 18.23 -12.64
C ALA B 112 2.39 19.47 -12.64
N VAL B 113 2.42 20.28 -11.56
CA VAL B 113 1.57 21.47 -11.51
C VAL B 113 1.91 22.35 -12.73
N VAL B 114 3.21 22.60 -12.87
CA VAL B 114 3.74 23.58 -13.82
C VAL B 114 3.46 23.06 -15.21
N LEU B 115 3.64 21.76 -15.38
CA LEU B 115 3.37 21.14 -16.68
C LEU B 115 1.90 21.12 -16.99
N THR B 116 1.07 20.91 -15.98
CA THR B 116 -0.35 20.84 -16.24
C THR B 116 -0.84 22.20 -16.72
N TYR B 117 -0.34 23.23 -16.06
CA TYR B 117 -0.69 24.60 -16.42
C TYR B 117 -0.19 24.96 -17.82
N GLY B 118 1.07 24.61 -18.10
CA GLY B 118 1.69 24.99 -19.36
C GLY B 118 1.19 24.18 -20.53
N ALA B 119 0.92 22.90 -20.32
CA ALA B 119 0.31 22.02 -21.35
C ALA B 119 -1.16 22.32 -21.64
N SER B 120 -1.85 22.87 -20.64
CA SER B 120 -3.27 23.11 -20.71
C SER B 120 -4.07 21.84 -20.87
N MET B 121 -3.60 20.76 -20.27
CA MET B 121 -4.25 19.45 -20.38
C MET B 121 -3.71 18.56 -19.27
N PRO B 122 -4.42 17.48 -18.95
CA PRO B 122 -4.03 16.67 -17.79
C PRO B 122 -2.62 16.11 -17.94
N VAL B 123 -1.96 15.85 -16.81
CA VAL B 123 -0.63 15.22 -16.85
C VAL B 123 -0.73 13.87 -16.14
N VAL B 124 -0.26 12.84 -16.80
CA VAL B 124 -0.21 11.51 -16.22
C VAL B 124 1.13 11.41 -15.52
N LYS B 125 1.07 11.18 -14.20
CA LYS B 125 2.24 11.28 -13.31
C LYS B 125 2.78 9.89 -12.98
N VAL B 126 3.97 9.56 -13.51
CA VAL B 126 4.53 8.24 -13.31
C VAL B 126 5.90 8.38 -12.70
N ALA B 127 6.10 7.81 -11.51
CA ALA B 127 7.37 7.92 -10.85
C ALA B 127 8.27 6.74 -11.22
N ARG B 128 9.58 6.97 -11.20
CA ARG B 128 10.53 5.86 -11.18
C ARG B 128 10.71 5.51 -9.71
N ILE B 129 9.87 4.60 -9.24
CA ILE B 129 9.86 4.28 -7.84
C ILE B 129 9.31 2.90 -7.61
N ALA B 130 9.54 2.41 -6.40
CA ALA B 130 9.03 1.10 -6.03
C ALA B 130 9.47 -0.03 -6.96
N GLY B 131 10.74 -0.04 -7.36
CA GLY B 131 11.24 -1.14 -8.16
C GLY B 131 12.44 -0.86 -9.04
N GLN B 132 12.84 0.40 -9.11
CA GLN B 132 13.96 0.83 -9.96
C GLN B 132 15.26 0.49 -9.23
N TYR B 133 15.52 -0.81 -9.15
CA TYR B 133 16.52 -1.42 -8.30
C TYR B 133 17.53 -2.25 -9.10
N ALA B 134 17.46 -2.15 -10.44
CA ALA B 134 18.29 -2.98 -11.34
C ALA B 134 18.74 -2.12 -12.50
N LYS B 135 20.05 -2.09 -12.80
CA LYS B 135 20.55 -1.37 -13.96
C LYS B 135 21.44 -2.22 -14.85
N PRO B 136 21.44 -1.93 -16.16
CA PRO B 136 22.40 -2.53 -17.10
C PRO B 136 23.78 -1.92 -16.96
N ARG B 137 24.81 -2.66 -17.37
CA ARG B 137 26.14 -2.13 -17.43
C ARG B 137 26.76 -2.55 -18.75
N SER B 138 27.50 -1.65 -19.38
CA SER B 138 28.28 -2.05 -20.54
C SER B 138 29.53 -2.86 -20.22
N ALA B 139 30.15 -2.63 -19.06
CA ALA B 139 31.28 -3.47 -18.65
C ALA B 139 30.93 -4.36 -17.47
N ASP B 140 31.52 -5.53 -17.45
CA ASP B 140 31.42 -6.48 -16.38
C ASP B 140 32.27 -6.08 -15.18
N ILE B 141 33.41 -5.42 -15.41
CA ILE B 141 34.37 -5.07 -14.39
C ILE B 141 34.50 -3.54 -14.45
N ASP B 142 34.47 -2.86 -13.30
CA ASP B 142 34.51 -1.39 -13.27
C ASP B 142 35.88 -0.76 -13.12
N ALA B 143 35.89 0.55 -12.88
CA ALA B 143 37.14 1.29 -12.69
C ALA B 143 38.01 0.80 -11.54
N LEU B 144 37.42 0.19 -10.51
CA LEU B 144 38.23 -0.30 -9.35
C LEU B 144 38.65 -1.76 -9.52
N GLY B 145 38.30 -2.36 -10.66
CA GLY B 145 38.56 -3.78 -10.92
C GLY B 145 37.54 -4.74 -10.33
N LEU B 146 36.42 -4.20 -9.83
CA LEU B 146 35.36 -4.99 -9.22
C LEU B 146 34.27 -5.37 -10.22
N ARG B 147 33.56 -6.46 -9.92
CA ARG B 147 32.37 -6.77 -10.68
C ARG B 147 31.43 -5.59 -10.56
N SER B 148 30.98 -5.07 -11.70
CA SER B 148 30.16 -3.88 -11.69
C SER B 148 28.93 -3.97 -10.79
N TYR B 149 28.62 -2.83 -10.19
CA TYR B 149 27.37 -2.66 -9.46
C TYR B 149 26.21 -2.68 -10.39
N ARG B 150 25.18 -3.48 -10.14
CA ARG B 150 24.05 -3.53 -11.10
C ARG B 150 22.73 -3.14 -10.45
N GLY B 151 22.80 -2.54 -9.28
CA GLY B 151 21.59 -2.13 -8.57
C GLY B 151 21.27 -3.08 -7.44
N ASP B 152 20.62 -2.58 -6.41
CA ASP B 152 20.44 -3.34 -5.19
C ASP B 152 19.61 -4.61 -5.35
N MET B 153 18.92 -4.78 -6.45
CA MET B 153 18.20 -6.01 -6.71
C MET B 153 19.15 -7.14 -7.10
N ILE B 154 20.40 -6.80 -7.45
CA ILE B 154 21.38 -7.80 -7.92
C ILE B 154 22.60 -7.93 -6.97
N ASN B 155 23.25 -6.81 -6.69
CA ASN B 155 24.40 -6.78 -5.81
C ASN B 155 24.50 -5.48 -5.03
N GLY B 156 25.55 -5.35 -4.22
CA GLY B 156 25.70 -4.14 -3.43
C GLY B 156 26.61 -3.08 -3.99
N PHE B 157 26.34 -1.84 -3.62
CA PHE B 157 27.16 -0.67 -4.01
C PHE B 157 28.57 -0.61 -3.40
N ALA B 158 28.75 -1.19 -2.22
CA ALA B 158 30.06 -1.11 -1.57
C ALA B 158 31.19 -1.58 -2.52
N PRO B 159 32.31 -0.87 -2.48
CA PRO B 159 33.43 -1.30 -3.29
C PRO B 159 34.20 -2.48 -2.68
N ASP B 160 33.57 -3.66 -2.60
CA ASP B 160 34.32 -4.88 -2.28
C ASP B 160 33.72 -6.13 -2.94
N ALA B 161 34.55 -7.12 -3.14
CA ALA B 161 34.18 -8.29 -3.89
C ALA B 161 32.94 -8.97 -3.34
N ALA B 162 32.91 -9.24 -2.04
CA ALA B 162 31.78 -9.98 -1.47
C ALA B 162 30.46 -9.23 -1.72
N ALA B 163 30.49 -7.90 -1.60
CA ALA B 163 29.30 -7.05 -1.83
C ALA B 163 28.83 -7.08 -3.28
N ARG B 164 29.73 -7.37 -4.21
CA ARG B 164 29.34 -7.42 -5.61
C ARG B 164 28.94 -8.81 -6.14
N GLU B 165 29.06 -9.84 -5.33
CA GLU B 165 28.50 -11.12 -5.67
C GLU B 165 27.02 -10.95 -6.00
N HIS B 166 26.55 -11.59 -7.06
CA HIS B 166 25.14 -11.56 -7.37
C HIS B 166 24.37 -12.42 -6.35
N ASP B 167 23.46 -11.78 -5.62
CA ASP B 167 22.76 -12.42 -4.53
C ASP B 167 21.23 -12.48 -4.76
N PRO B 168 20.72 -13.67 -5.03
CA PRO B 168 19.30 -13.81 -5.38
C PRO B 168 18.36 -13.38 -4.27
N SER B 169 18.82 -13.42 -3.03
CA SER B 169 18.02 -13.01 -1.94
C SER B 169 17.65 -11.53 -2.10
N ARG B 170 18.38 -10.84 -2.97
CA ARG B 170 18.03 -9.48 -3.28
C ARG B 170 16.72 -9.35 -4.08
N LEU B 171 16.24 -10.41 -4.69
CA LEU B 171 14.91 -10.34 -5.32
C LEU B 171 13.85 -10.04 -4.24
N VAL B 172 13.95 -10.74 -3.11
CA VAL B 172 12.96 -10.64 -2.07
C VAL B 172 13.13 -9.34 -1.29
N ARG B 173 14.37 -8.97 -0.96
CA ARG B 173 14.57 -7.65 -0.40
C ARG B 173 14.00 -6.54 -1.30
N ALA B 174 14.19 -6.70 -2.60
CA ALA B 174 13.76 -5.69 -3.57
C ALA B 174 12.23 -5.58 -3.52
N TYR B 175 11.56 -6.73 -3.38
CA TYR B 175 10.11 -6.75 -3.28
C TYR B 175 9.61 -6.00 -2.02
N ALA B 176 10.27 -6.27 -0.91
CA ALA B 176 9.83 -5.72 0.36
C ALA B 176 10.01 -4.22 0.33
N ASN B 177 11.11 -3.77 -0.22
CA ASN B 177 11.35 -2.37 -0.30
C ASN B 177 10.38 -1.68 -1.26
N ALA B 178 10.11 -2.34 -2.37
CA ALA B 178 9.18 -1.80 -3.33
C ALA B 178 7.79 -1.68 -2.71
N SER B 179 7.30 -2.73 -2.08
CA SER B 179 5.95 -2.67 -1.64
C SER B 179 5.79 -1.72 -0.48
N ALA B 180 6.86 -1.55 0.30
CA ALA B 180 6.86 -0.57 1.40
C ALA B 180 6.83 0.86 0.87
N ALA B 181 7.52 1.08 -0.23
CA ALA B 181 7.55 2.38 -0.85
C ALA B 181 6.19 2.71 -1.48
N MET B 182 5.60 1.73 -2.13
CA MET B 182 4.31 1.91 -2.77
C MET B 182 3.23 2.25 -1.76
N ASN B 183 3.28 1.53 -0.64
CA ASN B 183 2.34 1.82 0.43
C ASN B 183 2.41 3.28 0.80
N LEU B 184 3.62 3.77 1.02
CA LEU B 184 3.82 5.18 1.33
C LEU B 184 3.38 6.08 0.21
N VAL B 185 3.67 5.77 -1.06
CA VAL B 185 3.24 6.77 -2.06
C VAL B 185 1.71 6.84 -2.19
N ARG B 186 1.01 5.73 -1.94
CA ARG B 186 -0.45 5.74 -1.96
C ARG B 186 -0.95 6.55 -0.77
N ALA B 187 -0.36 6.32 0.39
CA ALA B 187 -0.81 7.03 1.58
C ALA B 187 -0.66 8.57 1.38
N LEU B 188 0.50 8.99 0.89
CA LEU B 188 0.86 10.40 0.74
C LEU B 188 -0.04 11.07 -0.30
N THR B 189 -0.24 10.38 -1.40
CA THR B 189 -1.01 10.99 -2.47
C THR B 189 -2.47 11.09 -2.13
N SER B 190 -2.95 10.24 -1.23
CA SER B 190 -4.35 10.26 -0.91
C SER B 190 -4.67 11.03 0.33
N SER B 191 -3.67 11.55 1.03
CA SER B 191 -3.96 12.13 2.34
C SER B 191 -3.43 13.50 2.58
N GLY B 192 -2.94 14.17 1.54
CA GLY B 192 -2.69 15.59 1.65
C GLY B 192 -1.40 16.10 1.02
N LEU B 193 -0.44 15.21 0.76
CA LEU B 193 0.80 15.65 0.17
C LEU B 193 0.53 16.09 -1.26
N ALA B 194 -0.59 15.61 -1.82
CA ALA B 194 -0.85 15.86 -3.24
C ALA B 194 -1.95 16.90 -3.44
N SER B 195 -2.25 17.64 -2.38
CA SER B 195 -3.11 18.77 -2.51
C SER B 195 -2.51 19.83 -3.42
N LEU B 196 -3.23 20.14 -4.47
CA LEU B 196 -2.78 21.14 -5.45
C LEU B 196 -2.31 22.46 -4.84
N HIS B 197 -3.01 22.97 -3.84
CA HIS B 197 -2.68 24.26 -3.26
C HIS B 197 -1.39 24.17 -2.48
N LEU B 198 -1.25 23.07 -1.74
CA LEU B 198 -0.02 22.85 -0.98
C LEU B 198 1.16 22.68 -1.94
N VAL B 199 0.96 21.95 -3.03
CA VAL B 199 2.05 21.70 -3.96
C VAL B 199 2.52 23.01 -4.58
N HIS B 200 1.58 23.84 -5.03
CA HIS B 200 1.99 25.12 -5.62
C HIS B 200 2.63 26.05 -4.62
N ASP B 201 2.24 25.95 -3.37
CA ASP B 201 2.93 26.74 -2.35
C ASP B 201 4.45 26.48 -2.39
N TRP B 202 4.88 25.24 -2.55
CA TRP B 202 6.31 24.97 -2.64
C TRP B 202 6.93 25.60 -3.88
N ASN B 203 6.21 25.59 -4.99
CA ASN B 203 6.67 26.27 -6.17
C ASN B 203 6.87 27.76 -5.89
N ARG B 204 5.98 28.33 -5.08
CA ARG B 204 6.04 29.75 -4.77
C ARG B 204 7.21 30.06 -3.85
N GLU B 205 7.47 29.16 -2.91
CA GLU B 205 8.67 29.23 -2.08
C GLU B 205 9.97 29.07 -2.91
N PHE B 206 9.92 28.31 -3.97
CA PHE B 206 11.07 28.13 -4.84
C PHE B 206 11.34 29.39 -5.64
N VAL B 207 10.29 29.92 -6.25
CA VAL B 207 10.43 31.16 -7.02
C VAL B 207 10.94 32.31 -6.16
N ARG B 208 10.59 32.31 -4.88
N ARG B 208 10.51 32.38 -4.90
CA ARG B 208 10.87 33.44 -3.98
CA ARG B 208 10.92 33.46 -4.01
C ARG B 208 12.28 33.35 -3.35
C ARG B 208 12.41 33.36 -3.66
N THR B 209 12.88 32.17 -3.32
CA THR B 209 14.23 32.02 -2.77
C THR B 209 15.31 31.46 -3.71
N SER B 210 14.97 30.87 -4.84
CA SER B 210 16.00 30.39 -5.75
C SER B 210 16.62 31.60 -6.40
N PRO B 211 17.93 31.52 -6.71
CA PRO B 211 18.62 32.61 -7.40
C PRO B 211 18.13 32.76 -8.85
N ALA B 212 17.57 31.68 -9.39
CA ALA B 212 16.86 31.69 -10.68
C ALA B 212 15.42 32.23 -10.56
N GLY B 213 14.89 32.21 -9.34
CA GLY B 213 13.52 32.55 -9.09
C GLY B 213 12.99 33.63 -10.00
N ALA B 214 13.67 34.75 -10.06
CA ALA B 214 13.18 35.88 -10.87
C ALA B 214 12.62 35.39 -12.19
N ARG B 215 13.37 34.51 -12.83
CA ARG B 215 13.11 34.09 -14.20
C ARG B 215 11.69 33.50 -14.30
N TYR B 216 11.25 32.87 -13.21
CA TYR B 216 10.01 32.13 -13.25
C TYR B 216 8.85 32.70 -12.47
N GLU B 217 9.05 33.85 -11.85
CA GLU B 217 7.97 34.52 -11.12
C GLU B 217 6.70 34.74 -11.96
N ALA B 218 6.86 35.24 -13.17
CA ALA B 218 5.71 35.56 -13.97
C ALA B 218 4.81 34.31 -14.13
N LEU B 219 5.41 33.18 -14.51
CA LEU B 219 4.64 31.99 -14.76
C LEU B 219 4.06 31.46 -13.47
N ALA B 220 4.86 31.43 -12.42
CA ALA B 220 4.42 30.99 -11.10
C ALA B 220 3.23 31.80 -10.57
N THR B 221 3.18 33.08 -10.93
CA THR B 221 2.09 33.96 -10.51
C THR B 221 0.83 33.71 -11.33
N GLU B 222 1.06 33.55 -12.62
CA GLU B 222 0.01 33.17 -13.50
C GLU B 222 -0.63 31.86 -13.04
N ILE B 223 0.18 30.91 -12.57
CA ILE B 223 -0.36 29.64 -12.10
C ILE B 223 -1.15 29.85 -10.82
N ASP B 224 -0.61 30.68 -9.95
CA ASP B 224 -1.23 30.98 -8.73
C ASP B 224 -2.60 31.57 -8.99
N ARG B 225 -2.65 32.48 -9.94
CA ARG B 225 -3.90 33.14 -10.31
C ARG B 225 -4.89 32.19 -10.95
N GLY B 226 -4.37 31.20 -11.65
CA GLY B 226 -5.18 30.18 -12.26
C GLY B 226 -5.82 29.37 -11.15
N LEU B 227 -5.04 28.95 -10.15
CA LEU B 227 -5.59 28.30 -8.97
C LEU B 227 -6.64 29.10 -8.22
N ARG B 228 -6.35 30.34 -7.86
CA ARG B 228 -7.32 31.16 -7.18
C ARG B 228 -8.64 31.28 -7.97
N PHE B 229 -8.51 31.39 -9.29
CA PHE B 229 -9.65 31.37 -10.23
C PHE B 229 -10.63 30.19 -10.01
N MET B 230 -10.05 29.02 -9.80
CA MET B 230 -10.80 27.83 -9.45
C MET B 230 -11.62 27.98 -8.19
N SER B 231 -11.05 28.49 -7.09
CA SER B 231 -11.89 28.77 -5.92
C SER B 231 -12.89 29.81 -6.28
N ALA B 232 -12.46 30.82 -7.04
CA ALA B 232 -13.34 31.95 -7.28
C ALA B 232 -14.59 31.50 -8.03
N CYS B 233 -14.46 30.47 -8.87
CA CYS B 233 -15.57 29.94 -9.64
C CYS B 233 -16.32 28.87 -8.90
N GLY B 234 -15.91 28.61 -7.68
CA GLY B 234 -16.61 27.70 -6.80
C GLY B 234 -16.56 26.28 -7.24
N VAL B 235 -15.58 25.95 -8.06
CA VAL B 235 -15.57 24.60 -8.54
C VAL B 235 -15.07 23.72 -7.45
N ALA B 236 -15.97 22.74 -7.19
CA ALA B 236 -15.91 21.55 -6.32
C ALA B 236 -14.58 20.80 -6.38
N ASP B 237 -13.94 20.67 -5.24
CA ASP B 237 -12.54 20.43 -5.33
C ASP B 237 -11.98 19.24 -4.61
N ARG B 238 -12.76 18.19 -4.46
CA ARG B 238 -12.17 16.94 -3.99
C ARG B 238 -11.03 16.56 -4.96
N ASN B 239 -11.28 16.74 -6.25
CA ASN B 239 -10.27 16.41 -7.25
C ASN B 239 -8.98 17.22 -7.16
N LEU B 240 -9.01 18.32 -6.42
CA LEU B 240 -7.79 19.11 -6.20
C LEU B 240 -6.94 18.65 -5.00
N GLN B 241 -7.44 17.68 -4.23
CA GLN B 241 -6.88 17.24 -2.94
C GLN B 241 -5.95 16.04 -3.05
N THR B 242 -6.11 15.28 -4.13
CA THR B 242 -5.36 14.08 -4.38
C THR B 242 -4.90 14.01 -5.83
N ALA B 243 -3.83 13.26 -6.05
CA ALA B 243 -3.32 12.98 -7.36
C ALA B 243 -2.99 11.47 -7.46
N GLU B 244 -2.92 10.95 -8.67
CA GLU B 244 -2.49 9.60 -8.85
C GLU B 244 -1.02 9.60 -9.27
N ILE B 245 -0.19 8.86 -8.51
CA ILE B 245 1.19 8.59 -8.92
C ILE B 245 1.40 7.11 -9.19
N TYR B 246 1.64 6.83 -10.45
CA TYR B 246 1.85 5.48 -10.90
C TYR B 246 3.31 5.04 -10.72
N ALA B 247 3.50 3.74 -10.47
CA ALA B 247 4.86 3.19 -10.26
C ALA B 247 5.43 2.61 -11.56
N SER B 248 6.69 2.88 -11.80
CA SER B 248 7.38 2.30 -12.94
C SER B 248 8.85 2.02 -12.68
N HIS B 249 9.42 1.11 -13.46
CA HIS B 249 10.88 0.88 -13.50
C HIS B 249 11.27 0.18 -14.81
N GLU B 250 12.57 0.17 -15.13
CA GLU B 250 13.00 -0.63 -16.27
C GLU B 250 12.77 -2.11 -15.92
N ALA B 251 12.09 -2.82 -16.81
CA ALA B 251 11.89 -4.24 -16.64
C ALA B 251 13.16 -4.92 -17.10
N LEU B 252 14.01 -5.28 -16.14
CA LEU B 252 15.35 -5.73 -16.50
C LEU B 252 15.63 -7.13 -16.02
N VAL B 253 15.36 -7.38 -14.74
CA VAL B 253 15.62 -8.69 -14.15
C VAL B 253 14.42 -9.62 -14.36
N LEU B 254 14.53 -10.48 -15.37
CA LEU B 254 13.37 -11.28 -15.73
C LEU B 254 12.95 -12.27 -14.63
N ASP B 255 13.87 -12.65 -13.75
CA ASP B 255 13.50 -13.46 -12.61
C ASP B 255 12.54 -12.75 -11.69
N TYR B 256 12.70 -11.45 -11.58
CA TYR B 256 11.78 -10.61 -10.78
C TYR B 256 10.46 -10.38 -11.49
N GLU B 257 10.52 -9.84 -12.70
CA GLU B 257 9.25 -9.56 -13.42
C GLU B 257 8.37 -10.83 -13.58
N ARG B 258 8.97 -11.97 -13.90
CA ARG B 258 8.17 -13.19 -14.09
C ARG B 258 7.51 -13.67 -12.82
N ALA B 259 8.16 -13.49 -11.68
CA ALA B 259 7.64 -13.92 -10.39
C ALA B 259 6.50 -13.02 -9.88
N MET B 260 6.44 -11.83 -10.42
CA MET B 260 5.41 -10.89 -10.08
C MET B 260 4.25 -10.85 -11.13
N LEU B 261 4.20 -11.81 -12.04
CA LEU B 261 3.07 -11.94 -12.92
C LEU B 261 1.89 -12.43 -12.15
N ARG B 262 0.71 -11.93 -12.49
CA ARG B 262 -0.54 -12.43 -11.97
C ARG B 262 -1.56 -12.41 -13.10
N LEU B 263 -2.61 -13.18 -12.91
CA LEU B 263 -3.58 -13.35 -13.93
C LEU B 263 -4.83 -12.59 -13.55
N SER B 264 -5.39 -11.82 -14.48
N SER B 264 -5.49 -11.99 -14.54
CA SER B 264 -6.59 -11.08 -14.19
CA SER B 264 -6.78 -11.31 -14.34
C SER B 264 -7.77 -12.05 -14.15
C SER B 264 -7.64 -11.25 -15.59
N ASP B 265 -8.89 -11.61 -13.56
N ASP B 265 -8.95 -11.45 -15.40
CA ASP B 265 -10.10 -12.40 -13.69
CA ASP B 265 -10.01 -10.95 -16.31
C ASP B 265 -10.53 -12.36 -15.17
C ASP B 265 -11.34 -11.72 -16.29
N GLY B 266 -10.06 -11.33 -15.88
N GLY B 266 -12.34 -11.05 -15.73
CA GLY B 266 -10.32 -11.14 -17.33
CA GLY B 266 -13.75 -11.26 -16.02
C GLY B 266 -11.28 -9.98 -17.57
C GLY B 266 -14.27 -9.86 -16.42
N ASP B 267 -11.77 -9.86 -18.82
N ASP B 267 -13.38 -9.09 -17.04
CA ASP B 267 -13.03 -9.11 -19.14
CA ASP B 267 -13.65 -7.72 -17.57
C ASP B 267 -13.11 -8.46 -20.56
C ASP B 267 -12.83 -7.44 -18.86
N ASP B 268 -11.98 -8.25 -21.26
N ASP B 268 -13.55 -7.11 -19.93
CA ASP B 268 -12.05 -7.71 -22.64
CA ASP B 268 -12.94 -7.02 -21.27
C ASP B 268 -11.98 -8.80 -23.71
C ASP B 268 -12.85 -8.42 -21.94
N GLY B 269 -12.25 -10.03 -23.29
N GLY B 269 -12.60 -9.46 -21.14
CA GLY B 269 -12.15 -11.21 -24.15
CA GLY B 269 -12.65 -10.83 -21.63
C GLY B 269 -11.22 -12.27 -23.56
C GLY B 269 -11.62 -11.80 -21.08
N GLU B 270 -11.20 -12.41 -22.23
N GLU B 270 -10.65 -12.18 -21.93
CA GLU B 270 -10.48 -13.50 -21.58
CA GLU B 270 -9.66 -13.23 -21.64
C GLU B 270 -9.47 -13.04 -20.50
C GLU B 270 -8.89 -12.88 -20.38
N PRO B 271 -8.71 -14.00 -19.95
N PRO B 271 -8.91 -13.78 -19.39
CA PRO B 271 -7.81 -13.69 -18.83
CA PRO B 271 -7.83 -13.63 -18.44
C PRO B 271 -6.47 -13.20 -19.31
C PRO B 271 -6.54 -13.23 -19.16
N GLN B 272 -5.91 -12.16 -18.68
CA GLN B 272 -4.62 -11.70 -19.15
C GLN B 272 -3.54 -11.78 -18.09
N LEU B 273 -2.31 -11.73 -18.55
CA LEU B 273 -1.18 -11.65 -17.67
C LEU B 273 -0.82 -10.21 -17.43
N PHE B 274 -0.74 -9.83 -16.18
CA PHE B 274 -0.30 -8.49 -15.80
C PHE B 274 0.99 -8.61 -14.98
N ASP B 275 1.95 -7.73 -15.25
CA ASP B 275 3.14 -7.67 -14.37
C ASP B 275 2.81 -6.77 -13.23
N LEU B 276 2.56 -7.32 -12.06
CA LEU B 276 2.12 -6.51 -10.93
C LEU B 276 3.28 -6.07 -10.01
N SER B 277 4.46 -5.89 -10.59
CA SER B 277 5.58 -5.28 -9.88
C SER B 277 5.55 -3.75 -10.04
N ALA B 278 4.68 -3.28 -10.91
CA ALA B 278 4.61 -1.88 -11.30
C ALA B 278 3.32 -1.70 -12.08
N HIS B 279 3.07 -0.46 -12.49
CA HIS B 279 1.91 -0.16 -13.31
C HIS B 279 2.37 -0.24 -14.76
N THR B 280 3.54 0.33 -15.02
CA THR B 280 4.12 0.39 -16.34
C THR B 280 5.62 0.17 -16.23
N VAL B 281 6.20 -0.46 -17.25
CA VAL B 281 7.60 -0.73 -17.24
C VAL B 281 8.09 -0.40 -18.64
N TRP B 282 9.39 -0.14 -18.77
CA TRP B 282 10.02 0.03 -20.08
C TRP B 282 11.21 -0.89 -20.28
N ILE B 283 11.63 -1.02 -21.52
CA ILE B 283 12.78 -1.84 -21.86
C ILE B 283 13.88 -0.92 -22.35
N GLY B 284 15.08 -1.03 -21.76
CA GLY B 284 16.23 -0.14 -22.05
C GLY B 284 16.92 -0.37 -23.39
N GLU B 285 17.84 0.53 -23.75
CA GLU B 285 18.67 0.40 -24.96
C GLU B 285 19.38 -0.94 -25.08
N ARG B 286 19.86 -1.50 -23.96
CA ARG B 286 20.70 -2.65 -24.09
C ARG B 286 20.01 -3.95 -23.94
N THR B 287 18.70 -3.93 -23.83
CA THR B 287 17.94 -5.16 -23.68
C THR B 287 16.77 -5.28 -24.66
N ARG B 288 16.73 -4.41 -25.66
CA ARG B 288 15.61 -4.30 -26.59
C ARG B 288 15.86 -5.06 -27.88
N GLN B 289 16.76 -6.03 -27.82
CA GLN B 289 16.94 -6.99 -28.94
C GLN B 289 15.58 -7.47 -29.44
N ILE B 290 15.34 -7.31 -30.73
CA ILE B 290 14.02 -7.50 -31.28
C ILE B 290 13.48 -8.92 -31.11
N ASP B 291 14.35 -9.91 -31.09
CA ASP B 291 13.93 -11.29 -30.89
C ASP B 291 14.46 -11.82 -29.52
N GLY B 292 14.75 -10.88 -28.61
CA GLY B 292 15.15 -11.20 -27.25
C GLY B 292 14.03 -11.38 -26.24
N ALA B 293 14.39 -11.86 -25.04
CA ALA B 293 13.45 -12.12 -23.96
C ALA B 293 12.60 -10.90 -23.53
N HIS B 294 13.21 -9.74 -23.44
CA HIS B 294 12.58 -8.60 -22.86
C HIS B 294 11.44 -8.12 -23.72
N ILE B 295 11.74 -7.95 -25.02
CA ILE B 295 10.68 -7.57 -25.97
C ILE B 295 9.54 -8.61 -25.98
N ALA B 296 9.90 -9.89 -25.99
CA ALA B 296 8.90 -10.93 -26.05
C ALA B 296 8.11 -10.95 -24.73
N PHE B 297 8.81 -10.68 -23.63
CA PHE B 297 8.12 -10.61 -22.34
C PHE B 297 7.13 -9.43 -22.36
N ALA B 298 7.57 -8.30 -22.89
CA ALA B 298 6.68 -7.16 -22.98
C ALA B 298 5.44 -7.49 -23.80
N GLN B 299 5.56 -8.40 -24.76
CA GLN B 299 4.43 -8.77 -25.60
C GLN B 299 3.37 -9.60 -24.87
N VAL B 300 3.79 -10.33 -23.86
CA VAL B 300 2.91 -11.22 -23.14
C VAL B 300 2.16 -10.54 -21.97
N ILE B 301 2.60 -9.38 -21.52
CA ILE B 301 1.95 -8.71 -20.39
C ILE B 301 0.99 -7.66 -20.89
N ALA B 302 -0.03 -7.38 -20.10
CA ALA B 302 -1.04 -6.36 -20.49
C ALA B 302 -0.62 -4.94 -20.17
N ASN B 303 0.30 -4.72 -19.23
CA ASN B 303 0.72 -3.36 -18.86
C ASN B 303 1.05 -2.50 -20.05
N PRO B 304 0.85 -1.19 -19.94
CA PRO B 304 1.54 -0.31 -20.92
C PRO B 304 3.07 -0.45 -20.78
N VAL B 305 3.77 -0.34 -21.88
CA VAL B 305 5.19 -0.47 -21.92
C VAL B 305 5.80 0.66 -22.73
N GLY B 306 7.07 0.92 -22.49
CA GLY B 306 7.84 1.77 -23.38
C GLY B 306 9.12 1.10 -23.82
N VAL B 307 9.72 1.64 -24.86
CA VAL B 307 11.02 1.22 -25.32
C VAL B 307 11.92 2.38 -25.57
N LYS B 308 13.14 2.34 -25.03
CA LYS B 308 14.10 3.43 -25.24
C LYS B 308 14.65 3.35 -26.67
N LEU B 309 14.70 4.49 -27.35
CA LEU B 309 15.23 4.54 -28.71
C LEU B 309 16.44 5.41 -28.74
N GLY B 310 17.58 4.78 -29.00
CA GLY B 310 18.85 5.50 -29.11
C GLY B 310 19.19 6.01 -30.50
N PRO B 311 20.35 6.68 -30.61
CA PRO B 311 20.87 7.22 -31.86
C PRO B 311 20.97 6.25 -33.04
N ASN B 312 21.03 4.95 -32.80
CA ASN B 312 21.18 4.05 -33.94
C ASN B 312 19.86 3.45 -34.37
N MET B 313 18.77 3.96 -33.80
CA MET B 313 17.46 3.50 -34.22
C MET B 313 17.20 3.81 -35.67
N THR B 314 16.67 2.87 -36.41
CA THR B 314 16.17 3.16 -37.75
C THR B 314 14.64 3.38 -37.69
N PRO B 315 14.10 4.11 -38.65
CA PRO B 315 12.65 4.14 -38.73
C PRO B 315 11.99 2.73 -38.90
N GLU B 316 12.63 1.86 -39.66
CA GLU B 316 12.14 0.51 -39.88
C GLU B 316 12.10 -0.32 -38.57
N LEU B 317 13.14 -0.26 -37.76
CA LEU B 317 13.11 -1.02 -36.51
C LEU B 317 12.02 -0.48 -35.60
N ALA B 318 11.88 0.85 -35.55
CA ALA B 318 10.84 1.51 -34.77
C ALA B 318 9.48 0.96 -35.14
N VAL B 319 9.23 0.90 -36.44
CA VAL B 319 7.99 0.30 -36.91
C VAL B 319 7.89 -1.15 -36.41
N GLU B 320 8.96 -1.92 -36.44
CA GLU B 320 8.84 -3.31 -36.00
C GLU B 320 8.48 -3.37 -34.49
N TYR B 321 9.07 -2.50 -33.69
CA TYR B 321 8.69 -2.46 -32.31
C TYR B 321 7.20 -2.22 -32.18
N VAL B 322 6.69 -1.24 -32.93
CA VAL B 322 5.29 -0.87 -32.87
C VAL B 322 4.35 -2.02 -33.25
N GLU B 323 4.71 -2.77 -34.28
CA GLU B 323 3.89 -3.84 -34.72
C GLU B 323 3.93 -5.02 -33.77
N ARG B 324 5.08 -5.23 -33.13
CA ARG B 324 5.19 -6.32 -32.14
C ARG B 324 4.51 -6.00 -30.84
N LEU B 325 4.64 -4.76 -30.38
CA LEU B 325 4.21 -4.41 -29.04
C LEU B 325 2.84 -3.77 -28.98
N ASP B 326 2.37 -3.30 -30.13
CA ASP B 326 1.02 -2.73 -30.21
C ASP B 326 0.20 -3.44 -31.30
N PRO B 327 0.19 -4.79 -31.26
CA PRO B 327 -0.38 -5.47 -32.41
C PRO B 327 -1.89 -5.22 -32.57
N HIS B 328 -2.57 -4.76 -31.51
CA HIS B 328 -4.01 -4.51 -31.58
C HIS B 328 -4.39 -3.04 -31.83
N ASN B 329 -3.38 -2.19 -32.01
CA ASN B 329 -3.62 -0.75 -32.22
C ASN B 329 -4.44 -0.10 -31.08
N LYS B 330 -3.96 -0.30 -29.85
CA LYS B 330 -4.49 0.33 -28.65
C LYS B 330 -3.71 1.60 -28.31
N PRO B 331 -4.27 2.77 -28.59
CA PRO B 331 -3.55 3.98 -28.25
C PRO B 331 -3.01 3.99 -26.83
N GLY B 332 -1.71 4.26 -26.70
CA GLY B 332 -1.10 4.39 -25.39
C GLY B 332 -0.60 3.11 -24.74
N ARG B 333 -0.77 1.98 -25.41
CA ARG B 333 -0.16 0.77 -24.95
C ARG B 333 1.35 0.91 -25.10
N LEU B 334 1.80 1.64 -26.12
CA LEU B 334 3.22 1.74 -26.38
C LEU B 334 3.79 3.15 -26.34
N THR B 335 4.84 3.34 -25.55
CA THR B 335 5.53 4.59 -25.52
C THR B 335 6.90 4.44 -26.19
N LEU B 336 7.18 5.24 -27.21
CA LEU B 336 8.52 5.24 -27.79
C LEU B 336 9.31 6.34 -27.14
N VAL B 337 10.36 5.97 -26.42
CA VAL B 337 11.09 6.91 -25.60
C VAL B 337 12.37 7.32 -26.33
N SER B 338 12.34 8.50 -26.90
CA SER B 338 13.50 8.99 -27.64
C SER B 338 14.61 9.54 -26.76
N ARG B 339 15.84 9.08 -26.97
CA ARG B 339 17.02 9.55 -26.19
C ARG B 339 18.26 9.57 -27.05
N MET B 340 18.56 10.74 -27.57
CA MET B 340 19.44 10.82 -28.68
C MET B 340 20.55 11.79 -28.64
N GLY B 341 20.57 12.65 -27.62
CA GLY B 341 21.55 13.72 -27.53
C GLY B 341 20.97 14.95 -28.19
N ASN B 342 21.28 16.11 -27.63
CA ASN B 342 20.63 17.32 -28.08
C ASN B 342 21.20 17.74 -29.40
N HIS B 343 22.41 17.27 -29.65
CA HIS B 343 23.13 17.52 -30.89
C HIS B 343 22.57 16.68 -32.03
N LYS B 344 21.83 15.62 -31.71
CA LYS B 344 21.34 14.68 -32.74
C LYS B 344 19.82 14.59 -32.90
N VAL B 345 19.08 15.05 -31.90
CA VAL B 345 17.63 14.74 -31.89
C VAL B 345 16.90 15.37 -33.05
N ARG B 346 17.33 16.56 -33.46
CA ARG B 346 16.69 17.31 -34.56
C ARG B 346 16.82 16.59 -35.91
N ASP B 347 17.90 15.83 -36.08
CA ASP B 347 18.12 15.13 -37.34
C ASP B 347 17.59 13.74 -37.29
N LEU B 348 17.87 13.02 -36.20
CA LEU B 348 17.57 11.60 -36.14
C LEU B 348 16.11 11.25 -35.88
N LEU B 349 15.37 12.13 -35.22
CA LEU B 349 14.01 11.75 -34.80
C LEU B 349 12.92 11.92 -35.87
N PRO B 350 13.01 12.94 -36.75
CA PRO B 350 11.91 13.09 -37.69
C PRO B 350 11.61 11.88 -38.52
N PRO B 351 12.60 11.28 -39.17
CA PRO B 351 12.22 10.12 -39.99
C PRO B 351 11.53 9.01 -39.24
N ILE B 352 11.93 8.82 -37.98
CA ILE B 352 11.39 7.77 -37.14
C ILE B 352 9.93 8.11 -36.90
N VAL B 353 9.67 9.35 -36.53
CA VAL B 353 8.30 9.75 -36.29
C VAL B 353 7.40 9.58 -37.52
N GLU B 354 7.88 10.04 -38.67
CA GLU B 354 7.09 9.92 -39.89
C GLU B 354 6.65 8.50 -40.20
N LYS B 355 7.63 7.58 -40.21
CA LYS B 355 7.39 6.18 -40.57
C LYS B 355 6.37 5.59 -39.62
N VAL B 356 6.58 5.82 -38.32
CA VAL B 356 5.70 5.29 -37.31
C VAL B 356 4.30 5.91 -37.39
N GLN B 357 4.20 7.19 -37.68
CA GLN B 357 2.89 7.80 -37.81
C GLN B 357 2.11 7.23 -39.00
N ALA B 358 2.84 6.81 -40.03
CA ALA B 358 2.19 6.27 -41.23
C ALA B 358 1.65 4.87 -41.00
N THR B 359 2.02 4.22 -39.92
CA THR B 359 1.49 2.89 -39.66
C THR B 359 0.03 2.98 -39.17
N GLY B 360 -0.41 4.18 -38.83
CA GLY B 360 -1.77 4.41 -38.28
C GLY B 360 -1.92 4.09 -36.79
N HIS B 361 -0.89 3.47 -36.18
CA HIS B 361 -0.85 3.26 -34.70
C HIS B 361 -0.61 4.60 -33.97
N GLN B 362 -1.09 4.70 -32.75
CA GLN B 362 -0.88 5.93 -31.99
C GLN B 362 -0.04 5.66 -30.76
N VAL B 363 1.26 5.85 -30.90
CA VAL B 363 2.19 5.71 -29.80
C VAL B 363 2.27 7.03 -29.03
N ILE B 364 2.83 7.00 -27.84
CA ILE B 364 3.25 8.22 -27.16
C ILE B 364 4.67 8.51 -27.47
N TRP B 365 4.94 9.71 -27.91
CA TRP B 365 6.32 10.15 -28.08
C TRP B 365 6.76 10.83 -26.82
N GLN B 366 7.78 10.27 -26.16
CA GLN B 366 8.33 10.79 -24.93
C GLN B 366 9.83 11.09 -25.08
N CYS B 367 10.25 12.22 -24.53
CA CYS B 367 11.62 12.61 -24.61
C CYS B 367 12.38 12.30 -23.33
N ASP B 368 13.42 11.48 -23.46
CA ASP B 368 14.32 11.22 -22.37
C ASP B 368 15.60 11.98 -22.65
N PRO B 369 15.74 13.19 -22.07
CA PRO B 369 16.86 14.07 -22.39
C PRO B 369 18.16 13.79 -21.63
N MET B 370 18.19 12.70 -20.87
CA MET B 370 19.28 12.40 -19.95
C MET B 370 20.28 11.50 -20.59
N HIS B 371 19.81 10.32 -20.97
CA HIS B 371 20.65 9.14 -21.20
C HIS B 371 21.38 9.34 -22.49
N GLY B 372 21.39 10.55 -23.01
CA GLY B 372 22.07 10.79 -24.28
C GLY B 372 23.13 11.84 -24.14
N ASN B 373 23.08 12.52 -23.01
CA ASN B 373 23.91 13.69 -22.78
C ASN B 373 24.84 13.47 -21.57
N PHE B 381 33.78 12.63 -11.65
CA PHE B 381 32.38 12.19 -11.63
C PHE B 381 31.75 12.27 -13.01
N LYS B 382 30.86 11.32 -13.30
CA LYS B 382 29.97 11.41 -14.47
C LYS B 382 28.86 12.48 -14.26
N THR B 383 28.88 13.54 -15.06
CA THR B 383 27.90 14.62 -14.95
C THR B 383 27.18 14.82 -16.30
N ARG B 384 26.17 15.70 -16.30
CA ARG B 384 25.42 16.07 -17.51
C ARG B 384 25.21 17.59 -17.46
N HIS B 385 25.29 18.29 -18.59
CA HIS B 385 24.97 19.70 -18.54
C HIS B 385 23.47 19.92 -18.69
N PHE B 386 22.97 20.70 -17.75
CA PHE B 386 21.62 21.13 -17.72
C PHE B 386 21.23 21.73 -19.06
N ASP B 387 22.12 22.49 -19.68
CA ASP B 387 21.76 23.18 -20.92
C ASP B 387 21.60 22.23 -22.07
N ARG B 388 22.37 21.16 -22.09
CA ARG B 388 22.21 20.12 -23.12
C ARG B 388 20.90 19.34 -22.89
N ILE B 389 20.53 19.16 -21.63
CA ILE B 389 19.27 18.48 -21.30
C ILE B 389 18.08 19.27 -21.81
N VAL B 390 17.99 20.53 -21.40
CA VAL B 390 16.93 21.47 -21.82
C VAL B 390 16.89 21.52 -23.35
N ASP B 391 18.07 21.62 -23.95
CA ASP B 391 18.16 21.68 -25.39
C ASP B 391 17.68 20.43 -26.09
N GLU B 392 17.81 19.27 -25.46
CA GLU B 392 17.27 18.07 -26.14
C GLU B 392 15.76 18.06 -26.14
N VAL B 393 15.13 18.53 -25.07
CA VAL B 393 13.68 18.61 -25.00
C VAL B 393 13.19 19.66 -26.02
N GLN B 394 13.99 20.72 -26.16
CA GLN B 394 13.70 21.82 -27.07
C GLN B 394 13.72 21.32 -28.52
N GLY B 395 14.75 20.53 -28.84
CA GLY B 395 14.83 19.95 -30.15
C GLY B 395 13.68 18.98 -30.43
N PHE B 396 13.37 18.19 -29.41
CA PHE B 396 12.27 17.25 -29.46
C PHE B 396 11.00 18.00 -29.75
N PHE B 397 10.75 19.10 -29.05
CA PHE B 397 9.50 19.90 -29.32
C PHE B 397 9.49 20.47 -30.75
N GLU B 398 10.63 20.90 -31.25
CA GLU B 398 10.69 21.38 -32.62
C GLU B 398 10.33 20.31 -33.63
N VAL B 399 10.79 19.08 -33.43
CA VAL B 399 10.48 18.00 -34.36
C VAL B 399 8.97 17.83 -34.52
N HIS B 400 8.29 17.65 -33.39
CA HIS B 400 6.83 17.50 -33.34
C HIS B 400 6.09 18.73 -33.87
N ARG B 401 6.52 19.93 -33.50
CA ARG B 401 5.87 21.12 -34.07
C ARG B 401 5.98 21.05 -35.62
N ALA B 402 7.15 20.71 -36.12
CA ALA B 402 7.33 20.66 -37.55
C ALA B 402 6.45 19.62 -38.19
N LEU B 403 6.20 18.50 -37.53
CA LEU B 403 5.50 17.42 -38.22
C LEU B 403 4.03 17.43 -37.93
N GLY B 404 3.62 18.25 -36.99
CA GLY B 404 2.21 18.24 -36.55
C GLY B 404 1.88 17.11 -35.60
N THR B 405 2.87 16.48 -35.01
CA THR B 405 2.65 15.34 -34.10
C THR B 405 2.68 15.78 -32.66
N HIS B 406 2.20 14.94 -31.76
CA HIS B 406 2.18 15.28 -30.35
C HIS B 406 3.54 15.04 -29.60
N PRO B 407 4.10 16.12 -29.05
CA PRO B 407 5.21 15.90 -28.14
C PRO B 407 4.63 15.47 -26.83
N GLY B 408 4.62 14.17 -26.56
CA GLY B 408 3.71 13.59 -25.60
C GLY B 408 4.15 13.59 -24.17
N GLY B 409 5.45 13.74 -23.94
CA GLY B 409 5.93 13.73 -22.55
C GLY B 409 7.42 13.78 -22.39
N ILE B 410 7.86 13.76 -21.12
CA ILE B 410 9.28 13.65 -20.77
C ILE B 410 9.49 12.55 -19.73
N HIS B 411 10.70 11.99 -19.73
CA HIS B 411 11.15 10.99 -18.81
C HIS B 411 12.48 11.57 -18.28
N VAL B 412 12.56 11.74 -16.98
CA VAL B 412 13.65 12.50 -16.41
C VAL B 412 14.15 11.79 -15.14
N GLU B 413 15.42 11.91 -14.81
CA GLU B 413 15.97 11.32 -13.61
C GLU B 413 16.33 12.37 -12.59
N ILE B 414 15.72 12.31 -11.40
CA ILE B 414 15.66 13.45 -10.46
C ILE B 414 15.66 13.01 -9.02
N THR B 415 15.57 13.98 -8.11
CA THR B 415 15.37 13.72 -6.67
C THR B 415 14.82 14.94 -5.83
N GLY B 416 14.33 14.63 -4.62
CA GLY B 416 13.93 15.66 -3.66
C GLY B 416 15.12 16.29 -2.93
N GLU B 417 16.24 15.55 -2.92
CA GLU B 417 17.47 15.96 -2.23
C GLU B 417 18.22 17.09 -2.94
N ASN B 418 18.97 17.83 -2.15
CA ASN B 418 19.81 18.91 -2.62
C ASN B 418 21.18 18.36 -3.07
N VAL B 419 21.14 17.52 -4.11
CA VAL B 419 22.33 16.82 -4.66
C VAL B 419 23.11 17.77 -5.60
N THR B 420 24.26 17.33 -6.10
CA THR B 420 25.03 18.15 -7.07
C THR B 420 25.12 17.52 -8.47
N LEU B 434 30.16 19.69 -6.76
CA LEU B 434 30.05 18.36 -7.39
C LEU B 434 30.67 17.27 -6.51
N ALA B 435 31.85 17.46 -5.98
CA ALA B 435 32.36 16.63 -4.88
C ALA B 435 31.50 16.84 -3.63
N GLY B 436 30.73 17.94 -3.59
CA GLY B 436 29.86 18.29 -2.46
C GLY B 436 28.80 17.25 -2.06
N ARG B 437 27.84 16.97 -2.96
CA ARG B 437 26.75 16.02 -2.65
C ARG B 437 26.40 15.06 -3.81
N TYR B 438 27.36 14.24 -4.23
CA TYR B 438 27.11 13.29 -5.30
C TYR B 438 26.54 11.96 -4.73
N GLU B 439 25.24 11.76 -4.98
CA GLU B 439 24.51 10.53 -4.62
C GLU B 439 23.54 10.20 -5.79
N ALA B 441 23.94 6.43 -6.42
CA ALA B 441 24.14 5.11 -7.03
C ALA B 441 24.14 5.14 -8.57
N CYS B 442 24.43 6.29 -9.16
CA CYS B 442 24.12 6.47 -10.58
C CYS B 442 24.84 7.51 -11.38
N ASP B 443 24.19 7.71 -12.51
CA ASP B 443 24.30 8.91 -13.34
C ASP B 443 23.79 10.13 -12.53
N PRO B 444 24.19 11.35 -12.91
CA PRO B 444 23.75 12.54 -12.15
C PRO B 444 22.25 12.94 -12.35
N ARG B 445 21.45 12.83 -11.29
CA ARG B 445 20.08 13.40 -11.36
C ARG B 445 20.23 14.89 -11.64
N LEU B 446 19.21 15.49 -12.19
CA LEU B 446 18.99 16.86 -11.93
C LEU B 446 18.62 16.80 -10.46
N ASN B 447 19.09 17.71 -9.63
CA ASN B 447 18.51 17.80 -8.29
C ASN B 447 17.06 18.36 -8.28
N THR B 448 16.46 18.45 -7.09
CA THR B 448 15.10 18.85 -6.97
C THR B 448 14.95 20.19 -7.70
N GLN B 449 15.86 21.14 -7.44
CA GLN B 449 15.79 22.49 -8.06
C GLN B 449 15.85 22.42 -9.58
N GLN B 450 16.77 21.65 -10.13
CA GLN B 450 16.90 21.65 -11.58
C GLN B 450 15.71 21.01 -12.28
N SER B 451 15.09 20.04 -11.61
CA SER B 451 13.84 19.42 -12.07
C SER B 451 12.70 20.38 -12.25
N LEU B 452 12.53 21.21 -11.24
CA LEU B 452 11.47 22.17 -11.22
C LEU B 452 11.76 23.11 -12.36
N GLU B 453 13.03 23.45 -12.47
CA GLU B 453 13.47 24.49 -13.42
C GLU B 453 13.20 23.98 -14.81
N LEU B 454 13.50 22.72 -15.01
CA LEU B 454 13.24 22.07 -16.29
C LEU B 454 11.75 22.07 -16.57
N ALA B 455 10.95 21.86 -15.52
CA ALA B 455 9.49 21.85 -15.69
C ALA B 455 9.01 23.23 -16.15
N PHE B 456 9.50 24.27 -15.51
CA PHE B 456 9.20 25.61 -15.94
C PHE B 456 9.58 25.84 -17.40
N LEU B 457 10.80 25.37 -17.76
CA LEU B 457 11.36 25.60 -19.07
C LEU B 457 10.55 24.87 -20.12
N VAL B 458 10.15 23.64 -19.79
CA VAL B 458 9.34 22.83 -20.71
C VAL B 458 7.91 23.38 -20.83
N ALA B 459 7.39 23.92 -19.73
CA ALA B 459 6.04 24.56 -19.77
C ALA B 459 6.05 25.77 -20.73
N GLU B 460 7.17 26.47 -20.85
CA GLU B 460 7.28 27.51 -21.85
C GLU B 460 7.30 26.88 -23.24
N MET B 461 7.97 25.75 -23.41
CA MET B 461 7.94 25.13 -24.71
C MET B 461 6.53 24.76 -25.08
N LEU B 462 5.72 24.46 -24.08
CA LEU B 462 4.37 23.98 -24.31
C LEU B 462 3.43 25.14 -24.64
N ARG B 463 3.71 26.29 -24.07
CA ARG B 463 2.95 27.49 -24.33
C ARG B 463 3.39 28.11 -25.65
N ASP B 464 4.69 28.24 -25.86
CA ASP B 464 5.21 29.02 -26.99
C ASP B 464 4.63 28.46 -28.29
MN MN C . -9.32 -13.47 19.06
N TRP D . -17.63 5.90 0.30
CA TRP D . -18.88 5.79 1.11
C TRP D . -18.57 5.13 2.42
O TRP D . -19.45 4.97 3.28
CB TRP D . -19.91 4.94 0.41
CG TRP D . -19.37 3.61 0.11
CD1 TRP D . -18.54 3.28 -0.93
CD2 TRP D . -19.59 2.43 0.85
NE1 TRP D . -18.32 1.94 -0.94
CE2 TRP D . -18.88 1.41 0.20
CE3 TRP D . -20.33 2.12 1.98
CZ2 TRP D . -18.85 0.12 0.67
CZ3 TRP D . -20.30 0.84 2.44
CH2 TRP D . -19.59 -0.16 1.78
OXT TRP D . -17.46 4.65 2.61
P PO4 E . -9.17 -10.00 24.50
O1 PO4 E . -10.30 -8.99 24.50
O2 PO4 E . -8.90 -10.33 23.04
O3 PO4 E . -7.93 -9.40 25.13
O4 PO4 E . -9.73 -11.17 25.26
S SO4 F . 6.12 -19.29 9.17
O1 SO4 F . 5.52 -18.58 8.03
O2 SO4 F . 7.55 -19.47 8.96
O3 SO4 F . 5.90 -18.62 10.46
O4 SO4 F . 5.47 -20.60 9.14
S SO4 G . -4.26 -19.81 26.05
O1 SO4 G . -4.73 -20.03 24.69
O2 SO4 G . -2.79 -19.68 26.10
O3 SO4 G . -4.90 -18.60 26.52
O4 SO4 G . -4.59 -20.95 26.91
C1 GOL H . -17.08 7.14 7.71
O1 GOL H . -16.93 8.30 8.50
C2 GOL H . -15.83 7.13 6.84
O2 GOL H . -14.91 6.13 7.24
C3 GOL H . -16.25 7.11 5.37
O3 GOL H . -15.21 7.55 4.52
C1 GOL I . -7.35 5.59 3.79
O1 GOL I . -6.86 6.19 4.99
C2 GOL I . -6.87 4.14 3.56
O2 GOL I . -7.04 3.34 4.71
C3 GOL I . -7.60 3.51 2.35
O3 GOL I . -8.22 2.26 2.60
C1 CE1 J . 11.52 -1.59 3.78
C2 CE1 J . 12.46 -2.80 3.76
C3 CE1 J . 12.09 -4.00 4.65
C4 CE1 J . 13.30 -4.94 4.87
C5 CE1 J . 12.85 -6.41 5.06
C6 CE1 J . 13.91 -7.50 4.83
C7 CE1 J . 13.37 -8.73 4.12
C8 CE1 J . 12.15 -9.41 4.74
C9 CE1 J . 11.35 -10.14 3.65
C10 CE1 J . 9.99 -10.68 4.07
C11 CE1 J . 8.95 -10.70 2.90
C12 CE1 J . 8.43 -12.10 2.57
O13 CE1 J . 7.01 -12.17 2.49
C14 CE1 J . 6.43 -13.49 2.80
C15 CE1 J . 6.41 -13.81 4.33
O16 CE1 J . 6.58 -15.22 4.47
P PO4 K . 18.79 3.61 -21.43
O1 PO4 K . 18.52 2.18 -21.71
O2 PO4 K . 20.24 3.88 -21.72
O3 PO4 K . 18.04 4.57 -22.30
O4 PO4 K . 18.38 3.97 -20.03
S SO4 L . 28.36 1.49 -17.89
O1 SO4 L . 27.20 0.75 -18.37
O2 SO4 L . 29.45 0.51 -17.77
O3 SO4 L . 28.73 2.51 -18.85
O4 SO4 L . 28.00 2.15 -16.65
S SO4 M . 6.87 -18.72 -14.31
O1 SO4 M . 5.40 -18.57 -14.00
O2 SO4 M . 7.20 -19.07 -15.68
O3 SO4 M . 7.58 -17.45 -13.93
O4 SO4 M . 7.37 -19.92 -13.65
MN MN N . 19.91 6.43 -15.96
N TRP O . -6.27 15.62 -9.34
CA TRP O . -5.79 16.46 -10.46
C TRP O . -4.58 15.78 -11.10
O TRP O . -3.88 15.02 -10.44
CB TRP O . -5.40 17.85 -9.96
CG TRP O . -4.27 17.81 -8.99
CD1 TRP O . -4.35 17.58 -7.63
CD2 TRP O . -2.89 18.02 -9.28
NE1 TRP O . -3.09 17.67 -7.08
CE2 TRP O . -2.19 17.90 -8.08
CE3 TRP O . -2.19 18.28 -10.44
CZ2 TRP O . -0.82 18.00 -8.01
CZ3 TRP O . -0.84 18.42 -10.37
CH2 TRP O . -0.16 18.27 -9.17
OXT TRP O . -4.20 16.02 -12.24
C1 GOL P . -4.34 12.21 -15.87
O1 GOL P . -5.07 11.27 -16.70
C2 GOL P . -4.14 11.75 -14.40
O2 GOL P . -3.46 10.51 -14.35
C3 GOL P . -5.50 11.67 -13.67
O3 GOL P . -5.32 11.30 -12.33
C1 GOL Q . -2.15 -11.26 -24.45
O1 GOL Q . -2.83 -12.19 -23.63
C2 GOL Q . -3.12 -10.91 -25.56
O2 GOL Q . -3.85 -9.80 -25.08
C3 GOL Q . -2.53 -10.68 -26.96
O3 GOL Q . -1.45 -9.78 -26.98
C1 GOL R . 2.84 -12.63 -28.45
O1 GOL R . 3.00 -12.84 -27.05
C2 GOL R . 3.49 -13.76 -29.25
O2 GOL R . 2.77 -14.94 -29.05
C3 GOL R . 3.45 -13.40 -30.72
O3 GOL R . 4.72 -13.14 -31.27
CL CL S . 38.98 -7.26 -3.40
C1 GOL T . 0.99 -19.15 -12.47
O1 GOL T . 2.08 -19.66 -13.20
C2 GOL T . 0.70 -17.76 -13.01
O2 GOL T . 1.81 -16.89 -13.01
C3 GOL T . -0.47 -17.08 -12.31
O3 GOL T . -0.38 -15.71 -12.68
C1 GOL U . -1.22 4.84 -6.97
O1 GOL U . -1.05 5.01 -8.34
C2 GOL U . -2.61 5.36 -6.65
O2 GOL U . -3.42 5.26 -7.85
C3 GOL U . -2.43 6.74 -6.04
O3 GOL U . -1.13 7.33 -6.19
#